data_3RQD
#
_entry.id   3RQD
#
_cell.length_a   54.059
_cell.length_b   88.302
_cell.length_c   93.660
_cell.angle_alpha   90.00
_cell.angle_beta   101.62
_cell.angle_gamma   90.00
#
_symmetry.space_group_name_H-M   'P 1 21 1'
#
loop_
_entity.id
_entity.type
_entity.pdbx_description
1 polymer 'Histone deacetylase 8'
2 polymer Largazole
3 non-polymer 'ZINC ION'
4 non-polymer 'POTASSIUM ION'
5 water water
#
loop_
_entity_poly.entity_id
_entity_poly.type
_entity_poly.pdbx_seq_one_letter_code
_entity_poly.pdbx_strand_id
1 'polypeptide(L)'
;MEEPEEPADSGQSLVPVYIYSPEYVSMCDSLAKIPKRASMVHSLIEAYALHKQMRIVKPKVASMEEMATFHTDAYLQHLQ
KVSQEGDDDHPDSIEYGLGYDCPATEGIFDYAAAIGGATITAAQCLIDGMCKVAINWSGGWHHAKKDEASGFCYLNDAVL
GILRLRRKFERILYVDLDLHHGDGVEDAFSFTSKVMTVSLHKFSPGFFPGTGDVSDVGLGKGRYYSVNVPIQDGIQDEKY
YQICESVLKEVYQAFNPKAVVLQLGADTIAGDPMCSFNMTPVGIGKCLKYILQWQLATLILGGGGYNLANTARCWTYLTG
VILGKTLSSEIPDHEFFTAYGPDYVLEITPSCRPDRNEPHRIQQILNYIKGNLKHVVIEGRGSHHHHHH
;
A,B
2 'polypeptide(L)' (02G)G(BB9)(03Y)V C,D
#
loop_
_chem_comp.id
_chem_comp.type
_chem_comp.name
_chem_comp.formula
02G non-polymer '(3S,4E)-3-hydroxy-7-sulfanylhept-4-enoic acid' 'C7 H12 O3 S'
K non-polymer 'POTASSIUM ION' 'K 1'
ZN non-polymer 'ZINC ION' 'Zn 2'
#
# COMPACT_ATOMS: atom_id res chain seq x y z
N LEU A 14 -31.22 13.96 -23.76
CA LEU A 14 -30.74 14.50 -22.49
C LEU A 14 -30.48 13.38 -21.49
N VAL A 15 -29.92 12.28 -21.97
CA VAL A 15 -29.72 11.10 -21.14
C VAL A 15 -28.23 10.78 -21.04
N PRO A 16 -27.73 10.52 -19.83
CA PRO A 16 -26.31 10.23 -19.61
C PRO A 16 -25.84 9.06 -20.45
N VAL A 17 -24.64 9.16 -21.01
CA VAL A 17 -24.04 8.02 -21.69
C VAL A 17 -23.35 7.14 -20.63
N TYR A 18 -23.42 5.84 -20.82
CA TYR A 18 -22.84 4.90 -19.90
C TYR A 18 -21.93 3.99 -20.70
N ILE A 19 -20.62 4.19 -20.57
CA ILE A 19 -19.67 3.35 -21.32
C ILE A 19 -19.60 1.93 -20.74
N TYR A 20 -19.94 0.96 -21.57
CA TYR A 20 -19.94 -0.41 -21.12
C TYR A 20 -20.05 -1.41 -22.28
N SER A 21 -19.49 -2.60 -22.04
CA SER A 21 -19.64 -3.77 -22.89
C SER A 21 -19.06 -4.94 -22.10
N PRO A 22 -19.65 -6.14 -22.25
CA PRO A 22 -19.13 -7.31 -21.54
C PRO A 22 -17.62 -7.43 -21.68
N GLU A 23 -17.09 -7.13 -22.87
CA GLU A 23 -15.67 -7.27 -23.12
C GLU A 23 -14.85 -6.27 -22.28
N TYR A 24 -15.30 -5.03 -22.26
CA TYR A 24 -14.58 -3.98 -21.54
C TYR A 24 -14.51 -4.30 -20.06
N VAL A 25 -15.63 -4.71 -19.49
CA VAL A 25 -15.66 -5.07 -18.08
C VAL A 25 -14.74 -6.22 -17.71
N SER A 26 -14.76 -7.26 -18.55
CA SER A 26 -13.89 -8.43 -18.35
C SER A 26 -12.43 -8.02 -18.42
N MET A 27 -12.09 -7.19 -19.40
CA MET A 27 -10.73 -6.69 -19.46
C MET A 27 -10.40 -5.98 -18.14
N CYS A 28 -11.27 -5.07 -17.68
CA CYS A 28 -10.95 -4.30 -16.47
C CYS A 28 -10.96 -5.17 -15.20
N ASP A 29 -11.74 -6.24 -15.20
CA ASP A 29 -11.82 -7.14 -14.07
C ASP A 29 -10.48 -7.79 -13.83
N SER A 30 -9.58 -7.74 -14.81
CA SER A 30 -8.34 -8.53 -14.80
C SER A 30 -7.18 -7.95 -14.00
N LEU A 31 -7.31 -6.69 -13.57
CA LEU A 31 -6.28 -6.06 -12.72
C LEU A 31 -6.11 -6.79 -11.38
N ALA A 32 -4.90 -7.25 -11.10
CA ALA A 32 -4.66 -8.05 -9.90
C ALA A 32 -5.00 -7.33 -8.59
N LYS A 33 -4.79 -6.03 -8.55
CA LYS A 33 -5.00 -5.29 -7.30
C LYS A 33 -6.47 -5.02 -7.00
N ILE A 34 -7.32 -5.03 -8.02
CA ILE A 34 -8.76 -4.79 -7.84
C ILE A 34 -9.59 -5.80 -8.63
N PRO A 35 -9.39 -7.10 -8.34
CA PRO A 35 -9.96 -8.17 -9.17
C PRO A 35 -11.47 -8.08 -9.18
N LYS A 36 -12.05 -8.05 -10.37
CA LYS A 36 -13.51 -7.99 -10.59
C LYS A 36 -14.19 -6.71 -10.08
N ARG A 37 -13.42 -5.67 -9.77
CA ARG A 37 -14.04 -4.43 -9.30
C ARG A 37 -15.03 -3.90 -10.34
N ALA A 38 -14.64 -3.99 -11.61
CA ALA A 38 -15.46 -3.47 -12.68
C ALA A 38 -16.82 -4.20 -12.79
N SER A 39 -16.81 -5.51 -12.59
CA SER A 39 -18.06 -6.27 -12.60
C SER A 39 -18.92 -5.96 -11.39
N MET A 40 -18.30 -5.79 -10.23
CA MET A 40 -19.08 -5.49 -9.04
C MET A 40 -19.80 -4.16 -9.19
N VAL A 41 -19.11 -3.19 -9.77
CA VAL A 41 -19.65 -1.87 -9.98
C VAL A 41 -20.79 -1.90 -11.02
N HIS A 42 -20.54 -2.51 -12.18
CA HIS A 42 -21.56 -2.64 -13.20
C HIS A 42 -22.74 -3.48 -12.72
N SER A 43 -22.45 -4.59 -12.05
CA SER A 43 -23.50 -5.47 -11.57
C SER A 43 -24.43 -4.74 -10.61
N LEU A 44 -23.86 -4.00 -9.66
CA LEU A 44 -24.69 -3.29 -8.69
C LEU A 44 -25.57 -2.23 -9.35
N ILE A 45 -24.97 -1.41 -10.20
CA ILE A 45 -25.71 -0.45 -11.03
C ILE A 45 -26.86 -1.13 -11.78
N GLU A 46 -26.57 -2.22 -12.46
CA GLU A 46 -27.58 -2.94 -13.22
C GLU A 46 -28.62 -3.53 -12.26
N ALA A 47 -28.16 -3.94 -11.08
CA ALA A 47 -29.06 -4.49 -10.07
C ALA A 47 -30.06 -3.44 -9.60
N TYR A 48 -29.59 -2.20 -9.52
CA TYR A 48 -30.51 -1.11 -9.23
C TYR A 48 -31.28 -0.64 -10.46
N ALA A 49 -31.05 -1.30 -11.59
CA ALA A 49 -31.77 -0.99 -12.82
C ALA A 49 -31.46 0.41 -13.39
N LEU A 50 -30.30 0.95 -13.05
CA LEU A 50 -29.96 2.31 -13.49
C LEU A 50 -29.52 2.35 -14.96
N HIS A 51 -29.01 1.24 -15.47
CA HIS A 51 -28.58 1.20 -16.86
C HIS A 51 -29.76 1.43 -17.81
N LYS A 52 -30.97 1.13 -17.35
CA LYS A 52 -32.17 1.32 -18.15
C LYS A 52 -32.48 2.79 -18.36
N GLN A 53 -31.95 3.64 -17.49
CA GLN A 53 -32.14 5.08 -17.64
C GLN A 53 -30.95 5.78 -18.26
N MET A 54 -30.05 5.00 -18.85
CA MET A 54 -28.87 5.59 -19.47
C MET A 54 -28.73 5.04 -20.87
N ARG A 55 -27.89 5.69 -21.65
CA ARG A 55 -27.56 5.26 -23.00
C ARG A 55 -26.24 4.48 -23.01
N ILE A 56 -26.33 3.17 -23.14
CA ILE A 56 -25.15 2.33 -23.06
C ILE A 56 -24.36 2.40 -24.37
N VAL A 57 -23.08 2.75 -24.24
CA VAL A 57 -22.22 2.92 -25.39
C VAL A 57 -21.04 1.99 -25.25
N LYS A 58 -20.85 1.13 -26.24
CA LYS A 58 -19.72 0.23 -26.27
C LYS A 58 -18.45 1.05 -26.49
N PRO A 59 -17.43 0.82 -25.67
CA PRO A 59 -16.20 1.57 -25.84
C PRO A 59 -15.39 1.03 -27.01
N LYS A 60 -14.68 1.91 -27.71
CA LYS A 60 -13.72 1.47 -28.71
C LYS A 60 -12.37 1.29 -28.01
N VAL A 61 -11.49 0.46 -28.59
CA VAL A 61 -10.11 0.35 -28.11
C VAL A 61 -9.24 1.47 -28.70
N ALA A 62 -8.42 2.12 -27.87
CA ALA A 62 -7.54 3.18 -28.36
C ALA A 62 -6.52 2.65 -29.36
N SER A 63 -6.26 3.44 -30.40
CA SER A 63 -5.17 3.19 -31.33
C SER A 63 -3.86 3.67 -30.70
N MET A 64 -2.74 3.24 -31.27
CA MET A 64 -1.44 3.74 -30.84
C MET A 64 -1.36 5.24 -30.99
N GLU A 65 -1.99 5.78 -32.05
CA GLU A 65 -1.97 7.21 -32.31
C GLU A 65 -2.78 7.97 -31.28
N GLU A 66 -3.87 7.37 -30.83
CA GLU A 66 -4.69 8.02 -29.81
C GLU A 66 -3.95 8.06 -28.47
N MET A 67 -3.38 6.93 -28.07
CA MET A 67 -2.62 6.88 -26.83
C MET A 67 -1.40 7.79 -26.93
N ALA A 68 -0.87 7.94 -28.13
CA ALA A 68 0.31 8.78 -28.33
C ALA A 68 0.06 10.29 -28.21
N THR A 69 -1.21 10.71 -28.12
CA THR A 69 -1.49 12.12 -27.85
C THR A 69 -0.88 12.54 -26.52
N PHE A 70 -0.64 11.57 -25.64
CA PHE A 70 -0.02 11.85 -24.36
C PHE A 70 1.27 11.07 -24.17
N HIS A 71 1.17 9.76 -24.23
CA HIS A 71 2.31 8.92 -23.92
C HIS A 71 3.33 8.90 -25.06
N THR A 72 4.59 8.75 -24.71
CA THR A 72 5.66 8.69 -25.71
C THR A 72 5.63 7.35 -26.45
N ASP A 73 6.06 7.37 -27.71
CA ASP A 73 6.13 6.17 -28.52
C ASP A 73 7.00 5.12 -27.84
N ALA A 74 8.13 5.57 -27.28
CA ALA A 74 9.04 4.70 -26.56
C ALA A 74 8.32 3.94 -25.43
N TYR A 75 7.60 4.66 -24.58
CA TYR A 75 6.85 4.03 -23.49
C TYR A 75 5.82 3.02 -24.04
N LEU A 76 4.99 3.45 -24.99
CA LEU A 76 3.94 2.60 -25.54
C LEU A 76 4.51 1.37 -26.25
N GLN A 77 5.59 1.57 -27.00
CA GLN A 77 6.20 0.44 -27.69
C GLN A 77 6.73 -0.56 -26.66
N HIS A 78 7.20 -0.05 -25.52
CA HIS A 78 7.77 -0.92 -24.51
C HIS A 78 6.68 -1.68 -23.76
N LEU A 79 5.61 -0.97 -23.40
CA LEU A 79 4.44 -1.58 -22.77
C LEU A 79 3.90 -2.75 -23.59
N GLN A 80 3.71 -2.53 -24.89
CA GLN A 80 3.24 -3.57 -25.79
C GLN A 80 4.23 -4.73 -25.83
N LYS A 81 5.51 -4.40 -25.91
CA LYS A 81 6.58 -5.42 -25.87
C LYS A 81 6.38 -6.37 -24.69
N VAL A 82 6.41 -5.81 -23.49
CA VAL A 82 6.32 -6.62 -22.28
C VAL A 82 4.96 -7.31 -22.10
N SER A 83 3.91 -6.69 -22.65
CA SER A 83 2.57 -7.26 -22.60
C SER A 83 2.47 -8.46 -23.53
N GLN A 84 3.35 -8.46 -24.54
CA GLN A 84 3.58 -9.57 -25.46
C GLN A 84 2.38 -9.90 -26.34
N GLU A 95 11.97 -0.77 -16.44
CA GLU A 95 11.99 0.68 -16.55
C GLU A 95 10.61 1.24 -16.93
N TYR A 96 10.56 2.55 -17.10
CA TYR A 96 9.29 3.20 -17.40
C TYR A 96 8.33 3.04 -16.22
N GLY A 97 8.89 2.98 -15.02
CA GLY A 97 8.08 2.86 -13.81
C GLY A 97 7.38 1.52 -13.63
N LEU A 98 7.68 0.59 -14.54
CA LEU A 98 7.02 -0.71 -14.61
C LEU A 98 7.53 -1.73 -13.58
N GLY A 99 7.41 -1.37 -12.30
CA GLY A 99 7.72 -2.29 -11.21
C GLY A 99 7.27 -1.69 -9.90
N TYR A 100 7.48 -2.43 -8.81
CA TYR A 100 7.13 -1.98 -7.47
C TYR A 100 5.62 -1.93 -7.30
N ASP A 101 5.02 -0.78 -7.56
CA ASP A 101 3.55 -0.67 -7.55
C ASP A 101 2.92 -1.00 -8.89
N CYS A 102 3.73 -0.97 -9.94
CA CYS A 102 3.23 -1.07 -11.31
C CYS A 102 3.90 -2.15 -12.16
N PRO A 103 3.87 -3.40 -11.68
CA PRO A 103 4.45 -4.51 -12.45
C PRO A 103 3.76 -4.74 -13.78
N ALA A 104 4.53 -4.94 -14.84
CA ALA A 104 3.99 -5.30 -16.14
C ALA A 104 3.58 -6.77 -16.15
N THR A 105 2.29 -7.02 -16.36
CA THR A 105 1.81 -8.38 -16.51
C THR A 105 1.49 -8.60 -17.98
N GLU A 106 1.14 -9.81 -18.35
CA GLU A 106 0.79 -10.08 -19.75
C GLU A 106 -0.58 -9.48 -20.07
N GLY A 107 -0.68 -8.87 -21.25
CA GLY A 107 -1.95 -8.29 -21.67
C GLY A 107 -2.19 -6.90 -21.13
N ILE A 108 -1.24 -6.38 -20.36
CA ILE A 108 -1.37 -5.05 -19.78
C ILE A 108 -1.54 -3.96 -20.84
N PHE A 109 -1.00 -4.21 -22.03
CA PHE A 109 -1.12 -3.23 -23.10
C PHE A 109 -2.54 -3.22 -23.66
N ASP A 110 -3.16 -4.39 -23.77
CA ASP A 110 -4.53 -4.49 -24.24
C ASP A 110 -5.44 -3.86 -23.19
N TYR A 111 -5.09 -4.05 -21.93
CA TYR A 111 -5.78 -3.40 -20.83
C TYR A 111 -5.69 -1.88 -20.99
N ALA A 112 -4.47 -1.37 -21.07
CA ALA A 112 -4.24 0.07 -21.20
C ALA A 112 -5.06 0.68 -22.34
N ALA A 113 -5.03 0.02 -23.49
CA ALA A 113 -5.70 0.49 -24.68
C ALA A 113 -7.22 0.46 -24.51
N ALA A 114 -7.72 -0.55 -23.79
CA ALA A 114 -9.14 -0.62 -23.52
C ALA A 114 -9.60 0.59 -22.73
N ILE A 115 -8.90 0.90 -21.63
CA ILE A 115 -9.33 1.99 -20.77
C ILE A 115 -9.18 3.33 -21.47
N GLY A 116 -8.06 3.52 -22.14
CA GLY A 116 -7.85 4.73 -22.91
C GLY A 116 -8.92 4.96 -23.97
N GLY A 117 -9.21 3.94 -24.77
CA GLY A 117 -10.26 4.04 -25.76
C GLY A 117 -11.66 4.28 -25.18
N ALA A 118 -11.94 3.67 -24.04
CA ALA A 118 -13.23 3.89 -23.35
C ALA A 118 -13.42 5.36 -22.92
N THR A 119 -12.34 5.97 -22.42
CA THR A 119 -12.43 7.36 -21.98
C THR A 119 -12.49 8.33 -23.18
N ILE A 120 -11.84 7.95 -24.28
CA ILE A 120 -11.93 8.76 -25.48
C ILE A 120 -13.32 8.66 -26.09
N THR A 121 -13.87 7.45 -26.10
CA THR A 121 -15.24 7.26 -26.52
C THR A 121 -16.17 8.14 -25.69
N ALA A 122 -15.95 8.18 -24.37
CA ALA A 122 -16.77 9.04 -23.51
C ALA A 122 -16.68 10.49 -23.99
N ALA A 123 -15.45 10.95 -24.21
CA ALA A 123 -15.18 12.32 -24.66
C ALA A 123 -15.85 12.63 -26.01
N GLN A 124 -15.68 11.73 -26.97
CA GLN A 124 -16.22 11.92 -28.31
C GLN A 124 -17.74 12.03 -28.31
N CYS A 125 -18.40 11.21 -27.49
CA CYS A 125 -19.83 11.35 -27.28
C CYS A 125 -20.19 12.75 -26.82
N LEU A 126 -19.43 13.26 -25.88
CA LEU A 126 -19.71 14.59 -25.32
C LEU A 126 -19.52 15.63 -26.41
N ILE A 127 -18.50 15.43 -27.24
CA ILE A 127 -18.26 16.36 -28.32
C ILE A 127 -19.45 16.35 -29.29
N ASP A 128 -19.92 15.16 -29.62
CA ASP A 128 -20.99 15.00 -30.60
C ASP A 128 -22.38 15.40 -30.11
N GLY A 129 -22.45 15.97 -28.90
CA GLY A 129 -23.72 16.43 -28.36
C GLY A 129 -24.67 15.29 -28.01
N MET A 130 -24.16 14.07 -28.06
CA MET A 130 -24.93 12.87 -27.75
C MET A 130 -25.50 12.90 -26.33
N CYS A 131 -24.82 13.62 -25.45
CA CYS A 131 -25.20 13.67 -24.04
C CYS A 131 -24.57 14.90 -23.40
N LYS A 132 -24.93 15.18 -22.14
CA LYS A 132 -24.24 16.21 -21.35
C LYS A 132 -23.34 15.53 -20.33
N VAL A 133 -23.60 14.25 -20.08
CA VAL A 133 -22.84 13.47 -19.11
C VAL A 133 -22.49 12.12 -19.72
N ALA A 134 -21.20 11.79 -19.69
CA ALA A 134 -20.71 10.50 -20.15
C ALA A 134 -19.87 9.84 -19.05
N ILE A 135 -20.27 8.63 -18.65
CA ILE A 135 -19.67 7.94 -17.52
C ILE A 135 -18.78 6.79 -17.94
N ASN A 136 -17.52 6.79 -17.48
CA ASN A 136 -16.63 5.64 -17.61
C ASN A 136 -16.01 5.30 -16.26
N TRP A 137 -16.73 4.52 -15.46
CA TRP A 137 -16.36 4.23 -14.08
C TRP A 137 -15.04 3.49 -13.92
N SER A 138 -14.60 2.76 -14.94
CA SER A 138 -13.34 2.04 -14.83
C SER A 138 -12.14 2.83 -15.39
N GLY A 139 -12.34 4.10 -15.68
CA GLY A 139 -11.24 4.98 -16.06
C GLY A 139 -10.83 5.84 -14.88
N GLY A 140 -10.01 6.87 -15.12
CA GLY A 140 -9.59 7.80 -14.07
C GLY A 140 -8.22 7.49 -13.49
N TRP A 141 -7.39 6.80 -14.28
CA TRP A 141 -6.03 6.44 -13.84
C TRP A 141 -5.05 7.59 -13.97
N HIS A 142 -5.15 8.48 -13.00
CA HIS A 142 -4.65 9.84 -13.05
C HIS A 142 -3.15 10.06 -12.79
N HIS A 143 -2.46 9.05 -12.26
CA HIS A 143 -1.03 9.13 -11.94
C HIS A 143 -0.03 8.87 -13.07
N ALA A 144 -0.42 8.16 -14.12
CA ALA A 144 0.54 7.73 -15.12
C ALA A 144 1.14 8.94 -15.84
N LYS A 145 2.43 8.91 -16.13
CA LYS A 145 3.10 10.04 -16.79
C LYS A 145 3.27 9.73 -18.27
N LYS A 146 3.76 10.70 -19.04
CA LYS A 146 3.85 10.48 -20.47
C LYS A 146 4.68 9.25 -20.76
N ASP A 147 5.71 9.02 -19.95
CA ASP A 147 6.65 7.92 -20.20
C ASP A 147 6.91 7.09 -18.94
N GLU A 148 5.97 7.07 -18.02
CA GLU A 148 6.17 6.34 -16.78
C GLU A 148 4.83 5.86 -16.20
N ALA A 149 4.74 4.58 -15.86
CA ALA A 149 3.61 4.09 -15.05
C ALA A 149 3.83 4.55 -13.62
N SER A 150 2.75 4.67 -12.86
CA SER A 150 2.81 5.18 -11.49
C SER A 150 1.47 4.99 -10.77
N GLY A 151 1.53 4.60 -9.50
CA GLY A 151 0.34 4.52 -8.65
C GLY A 151 -0.75 3.63 -9.22
N PHE A 152 -0.34 2.50 -9.79
CA PHE A 152 -1.22 1.49 -10.35
C PHE A 152 -1.79 1.94 -11.69
N CYS A 153 -1.33 3.09 -12.17
CA CYS A 153 -1.83 3.60 -13.45
C CYS A 153 -0.80 3.30 -14.51
N TYR A 154 -1.21 2.62 -15.57
CA TYR A 154 -0.33 2.28 -16.69
C TYR A 154 -0.55 3.23 -17.86
N LEU A 155 -1.76 3.73 -18.01
CA LEU A 155 -2.06 4.67 -19.08
C LEU A 155 -2.95 5.76 -18.51
N ASN A 156 -2.68 7.01 -18.86
CA ASN A 156 -3.47 8.08 -18.27
C ASN A 156 -4.68 8.43 -19.13
N ASP A 157 -5.78 7.70 -18.96
CA ASP A 157 -6.95 7.87 -19.78
C ASP A 157 -7.62 9.21 -19.46
N ALA A 158 -7.44 9.71 -18.25
CA ALA A 158 -8.02 11.01 -17.93
C ALA A 158 -7.42 12.09 -18.83
N VAL A 159 -6.09 12.11 -18.94
CA VAL A 159 -5.43 13.05 -19.85
C VAL A 159 -5.92 12.84 -21.27
N LEU A 160 -6.11 11.58 -21.67
CA LEU A 160 -6.52 11.29 -23.05
C LEU A 160 -7.93 11.80 -23.28
N GLY A 161 -8.76 11.74 -22.23
CA GLY A 161 -10.11 12.27 -22.34
C GLY A 161 -10.07 13.78 -22.52
N ILE A 162 -9.19 14.44 -21.78
CA ILE A 162 -9.11 15.90 -21.84
C ILE A 162 -8.61 16.37 -23.21
N LEU A 163 -7.54 15.74 -23.70
CA LEU A 163 -7.00 16.08 -25.02
C LEU A 163 -8.06 15.96 -26.12
N ARG A 164 -8.90 14.94 -26.05
CA ARG A 164 -9.97 14.77 -27.02
C ARG A 164 -11.02 15.88 -26.89
N LEU A 165 -11.47 16.16 -25.67
CA LEU A 165 -12.42 17.26 -25.44
C LEU A 165 -11.86 18.57 -25.98
N ARG A 166 -10.56 18.72 -25.82
CA ARG A 166 -9.82 19.90 -26.24
C ARG A 166 -9.95 20.21 -27.74
N ARG A 167 -10.27 19.21 -28.54
CA ARG A 167 -10.51 19.43 -29.96
CA ARG A 167 -10.49 19.44 -29.95
C ARG A 167 -11.72 20.34 -30.16
N LYS A 168 -12.61 20.39 -29.17
CA LYS A 168 -13.84 21.19 -29.26
C LYS A 168 -13.99 22.32 -28.22
N PHE A 169 -13.55 22.08 -26.99
CA PHE A 169 -13.71 23.07 -25.92
C PHE A 169 -12.44 23.84 -25.61
N GLU A 170 -12.59 25.15 -25.47
CA GLU A 170 -11.45 26.04 -25.34
C GLU A 170 -10.89 26.08 -23.92
N ARG A 171 -11.71 25.67 -22.97
CA ARG A 171 -11.33 25.69 -21.56
C ARG A 171 -11.95 24.48 -20.86
N ILE A 172 -11.10 23.63 -20.30
CA ILE A 172 -11.59 22.44 -19.63
C ILE A 172 -11.19 22.48 -18.17
N LEU A 173 -12.15 22.17 -17.30
CA LEU A 173 -11.83 22.08 -15.89
C LEU A 173 -11.69 20.61 -15.47
N TYR A 174 -10.56 20.27 -14.87
CA TYR A 174 -10.36 18.92 -14.35
C TYR A 174 -10.43 18.95 -12.84
N VAL A 175 -11.34 18.15 -12.29
CA VAL A 175 -11.54 18.10 -10.84
C VAL A 175 -11.29 16.68 -10.37
N ASP A 176 -10.35 16.53 -9.45
CA ASP A 176 -9.85 15.23 -9.07
C ASP A 176 -10.15 15.03 -7.59
N LEU A 177 -11.12 14.15 -7.28
CA LEU A 177 -11.49 13.89 -5.88
C LEU A 177 -10.92 12.59 -5.28
N ASP A 178 -10.14 11.86 -6.07
CA ASP A 178 -9.39 10.71 -5.58
C ASP A 178 -8.72 11.07 -4.25
N LEU A 179 -8.37 10.12 -3.42
CA LEU A 179 -7.57 10.45 -2.23
C LEU A 179 -6.18 11.02 -2.57
N HIS A 180 -5.60 10.57 -3.68
CA HIS A 180 -4.20 10.93 -4.00
C HIS A 180 -4.11 12.14 -4.93
N HIS A 181 -3.06 12.95 -4.82
CA HIS A 181 -2.86 14.09 -5.71
C HIS A 181 -2.87 13.65 -7.18
N GLY A 182 -3.64 14.35 -8.01
CA GLY A 182 -3.74 14.05 -9.43
C GLY A 182 -2.53 14.54 -10.23
N ASP A 183 -1.37 13.99 -9.90
CA ASP A 183 -0.11 14.47 -10.45
C ASP A 183 0.14 14.20 -11.93
N GLY A 184 -0.34 13.07 -12.44
CA GLY A 184 -0.19 12.79 -13.86
C GLY A 184 -0.94 13.82 -14.73
N VAL A 185 -2.18 14.13 -14.36
CA VAL A 185 -2.96 15.07 -15.14
C VAL A 185 -2.47 16.50 -14.96
N GLU A 186 -2.19 16.89 -13.73
CA GLU A 186 -1.64 18.21 -13.48
C GLU A 186 -0.37 18.45 -14.30
N ASP A 187 0.59 17.55 -14.17
CA ASP A 187 1.86 17.65 -14.91
C ASP A 187 1.62 17.78 -16.42
N ALA A 188 0.67 17.02 -16.93
CA ALA A 188 0.38 17.00 -18.36
C ALA A 188 -0.04 18.38 -18.85
N PHE A 189 -0.70 19.14 -17.99
CA PHE A 189 -1.14 20.46 -18.39
C PHE A 189 -0.54 21.62 -17.59
N SER A 190 0.50 21.39 -16.77
CA SER A 190 1.02 22.47 -15.92
C SER A 190 1.45 23.75 -16.67
N PHE A 191 1.75 23.64 -17.95
CA PHE A 191 2.28 24.80 -18.67
C PHE A 191 1.22 25.48 -19.53
N THR A 192 -0.02 25.03 -19.44
CA THR A 192 -1.05 25.60 -20.28
C THR A 192 -2.20 26.19 -19.48
N SER A 193 -2.88 27.18 -20.03
CA SER A 193 -3.99 27.81 -19.32
C SER A 193 -5.34 27.38 -19.87
N LYS A 194 -5.34 26.39 -20.74
CA LYS A 194 -6.54 25.98 -21.43
C LYS A 194 -7.27 24.88 -20.65
N VAL A 195 -6.57 24.27 -19.71
CA VAL A 195 -7.17 23.24 -18.88
C VAL A 195 -6.80 23.59 -17.47
N MET A 196 -7.74 23.87 -16.60
CA MET A 196 -7.36 24.08 -15.21
C MET A 196 -7.55 22.79 -14.45
N THR A 197 -6.58 22.44 -13.61
CA THR A 197 -6.72 21.24 -12.79
C THR A 197 -6.89 21.61 -11.31
N VAL A 198 -7.84 20.91 -10.67
CA VAL A 198 -8.17 21.14 -9.28
C VAL A 198 -8.14 19.79 -8.57
N SER A 199 -7.30 19.67 -7.57
CA SER A 199 -7.16 18.41 -6.87
C SER A 199 -7.28 18.62 -5.37
N LEU A 200 -8.22 17.92 -4.72
CA LEU A 200 -8.28 17.83 -3.25
C LEU A 200 -7.68 16.51 -2.89
N HIS A 201 -6.78 16.45 -1.90
CA HIS A 201 -6.06 15.19 -1.63
C HIS A 201 -5.32 15.20 -0.30
N LYS A 202 -5.03 14.00 0.20
CA LYS A 202 -4.20 13.89 1.39
C LYS A 202 -2.78 14.37 1.06
N PHE A 203 -2.22 15.19 1.93
CA PHE A 203 -0.86 15.68 1.75
C PHE A 203 -0.17 15.54 3.09
N SER A 204 0.81 14.65 3.14
CA SER A 204 1.39 14.20 4.40
C SER A 204 2.76 13.57 4.09
N PRO A 205 3.69 13.63 5.04
CA PRO A 205 5.07 13.16 4.78
C PRO A 205 5.14 11.70 4.37
N GLY A 206 5.82 11.42 3.26
CA GLY A 206 5.93 10.07 2.74
C GLY A 206 4.68 9.58 2.01
N PHE A 207 3.56 10.29 2.16
CA PHE A 207 2.33 9.89 1.47
C PHE A 207 2.36 10.17 -0.03
N PHE A 208 2.02 9.13 -0.81
CA PHE A 208 2.07 9.15 -2.27
C PHE A 208 1.13 10.19 -2.91
N PRO A 209 1.61 10.93 -3.93
CA PRO A 209 2.96 10.86 -4.52
C PRO A 209 3.91 11.93 -3.98
N GLY A 210 3.51 12.63 -2.92
CA GLY A 210 4.40 13.56 -2.26
C GLY A 210 4.26 14.99 -2.75
N THR A 211 3.48 15.18 -3.82
CA THR A 211 3.35 16.47 -4.47
C THR A 211 1.97 17.07 -4.21
N GLY A 212 1.78 18.32 -4.63
CA GLY A 212 0.48 18.96 -4.59
C GLY A 212 0.18 19.78 -3.34
N ASP A 213 1.19 20.42 -2.75
CA ASP A 213 0.90 21.36 -1.66
C ASP A 213 0.15 22.54 -2.26
N VAL A 214 -0.39 23.40 -1.41
CA VAL A 214 -1.21 24.50 -1.90
C VAL A 214 -0.35 25.48 -2.72
N SER A 215 0.96 25.48 -2.47
CA SER A 215 1.85 26.36 -3.20
C SER A 215 2.08 25.84 -4.62
N ASP A 216 1.55 24.66 -4.93
CA ASP A 216 1.65 24.11 -6.28
C ASP A 216 0.64 24.81 -7.17
N VAL A 217 1.09 25.70 -8.04
CA VAL A 217 0.16 26.47 -8.88
C VAL A 217 0.36 26.33 -10.38
N GLY A 218 1.18 25.39 -10.81
CA GLY A 218 1.50 25.26 -12.22
C GLY A 218 2.62 26.19 -12.62
N LEU A 219 3.14 26.01 -13.82
CA LEU A 219 4.35 26.71 -14.26
C LEU A 219 4.14 27.53 -15.52
N GLY A 220 5.10 28.42 -15.78
CA GLY A 220 5.08 29.26 -16.96
C GLY A 220 3.74 29.88 -17.26
N LYS A 221 3.21 29.54 -18.42
CA LYS A 221 1.95 30.13 -18.86
C LYS A 221 0.75 29.47 -18.21
N GLY A 222 0.99 28.32 -17.59
CA GLY A 222 -0.04 27.63 -16.83
C GLY A 222 -0.03 28.04 -15.37
N ARG A 223 0.80 29.01 -15.02
CA ARG A 223 0.90 29.44 -13.62
C ARG A 223 -0.43 30.00 -13.11
N TYR A 224 -0.91 29.45 -12.00
CA TYR A 224 -2.20 29.78 -11.40
C TYR A 224 -3.35 28.91 -11.92
N TYR A 225 -3.06 28.09 -12.91
CA TYR A 225 -4.08 27.24 -13.52
C TYR A 225 -3.98 25.81 -12.98
N SER A 226 -3.14 25.61 -11.98
CA SER A 226 -3.19 24.40 -11.17
C SER A 226 -3.61 24.78 -9.77
N VAL A 227 -4.61 24.08 -9.26
CA VAL A 227 -5.16 24.36 -7.95
C VAL A 227 -5.01 23.10 -7.11
N ASN A 228 -4.45 23.24 -5.91
CA ASN A 228 -4.22 22.09 -5.04
C ASN A 228 -4.69 22.34 -3.60
N VAL A 229 -5.49 21.42 -3.08
CA VAL A 229 -6.01 21.54 -1.72
C VAL A 229 -5.51 20.38 -0.89
N PRO A 230 -4.41 20.59 -0.12
CA PRO A 230 -3.83 19.60 0.78
C PRO A 230 -4.72 19.36 1.99
N ILE A 231 -5.02 18.10 2.28
CA ILE A 231 -5.94 17.78 3.37
C ILE A 231 -5.37 16.66 4.24
N GLN A 232 -5.66 16.72 5.53
CA GLN A 232 -5.17 15.74 6.51
C GLN A 232 -6.17 14.60 6.76
N ASP A 233 -5.66 13.51 7.31
CA ASP A 233 -6.45 12.34 7.72
C ASP A 233 -7.75 12.69 8.44
N GLY A 234 -8.75 11.84 8.21
CA GLY A 234 -9.96 11.84 9.01
C GLY A 234 -11.06 12.80 8.58
N ILE A 235 -10.88 13.48 7.46
CA ILE A 235 -11.89 14.44 7.05
C ILE A 235 -13.23 13.78 6.74
N GLN A 236 -14.32 14.42 7.14
CA GLN A 236 -15.67 13.87 6.93
C GLN A 236 -16.50 14.73 5.97
N ASP A 237 -17.70 14.23 5.65
CA ASP A 237 -18.52 14.80 4.57
C ASP A 237 -18.72 16.32 4.61
N GLU A 238 -19.14 16.82 5.76
CA GLU A 238 -19.52 18.23 5.87
C GLU A 238 -18.35 19.16 5.59
N LYS A 239 -17.23 18.91 6.28
CA LYS A 239 -16.07 19.78 6.09
C LYS A 239 -15.53 19.66 4.65
N TYR A 240 -15.55 18.44 4.11
CA TYR A 240 -15.04 18.21 2.77
C TYR A 240 -15.87 18.99 1.76
N TYR A 241 -17.19 18.96 1.92
CA TYR A 241 -18.04 19.71 0.98
C TYR A 241 -17.88 21.23 1.09
N GLN A 242 -17.78 21.75 2.32
CA GLN A 242 -17.57 23.17 2.50
C GLN A 242 -16.33 23.59 1.73
N ILE A 243 -15.24 22.86 1.92
CA ILE A 243 -13.99 23.13 1.22
C ILE A 243 -14.17 23.07 -0.29
N CYS A 244 -14.69 21.95 -0.77
CA CYS A 244 -14.80 21.70 -2.19
C CYS A 244 -15.66 22.79 -2.86
N GLU A 245 -16.83 23.05 -2.27
CA GLU A 245 -17.75 24.02 -2.83
C GLU A 245 -17.16 25.41 -2.87
N SER A 246 -16.44 25.80 -1.81
CA SER A 246 -15.86 27.13 -1.81
C SER A 246 -14.77 27.28 -2.88
N VAL A 247 -14.06 26.18 -3.14
CA VAL A 247 -13.02 26.23 -4.17
C VAL A 247 -13.63 26.22 -5.58
N LEU A 248 -14.62 25.35 -5.78
CA LEU A 248 -15.20 25.20 -7.10
C LEU A 248 -15.96 26.46 -7.51
N LYS A 249 -16.57 27.08 -6.52
CA LYS A 249 -17.20 28.39 -6.65
C LYS A 249 -16.20 29.37 -7.26
N GLU A 250 -15.08 29.56 -6.58
CA GLU A 250 -14.04 30.48 -7.05
C GLU A 250 -13.52 30.10 -8.45
N VAL A 251 -13.14 28.83 -8.61
CA VAL A 251 -12.66 28.32 -9.89
C VAL A 251 -13.64 28.57 -11.03
N TYR A 252 -14.93 28.32 -10.79
CA TYR A 252 -15.90 28.48 -11.85
C TYR A 252 -15.97 29.95 -12.24
N GLN A 253 -15.93 30.80 -11.23
CA GLN A 253 -16.02 32.24 -11.43
C GLN A 253 -14.82 32.76 -12.23
N ALA A 254 -13.62 32.38 -11.81
CA ALA A 254 -12.40 32.92 -12.41
C ALA A 254 -12.09 32.31 -13.78
N PHE A 255 -12.33 31.00 -13.92
CA PHE A 255 -11.90 30.25 -15.10
C PHE A 255 -13.02 30.01 -16.15
N ASN A 256 -14.25 29.94 -15.68
CA ASN A 256 -15.40 29.73 -16.55
C ASN A 256 -15.22 28.59 -17.57
N PRO A 257 -15.14 27.35 -17.09
CA PRO A 257 -14.88 26.21 -17.97
C PRO A 257 -15.99 25.98 -18.99
N LYS A 258 -15.65 25.34 -20.10
CA LYS A 258 -16.61 24.97 -21.13
C LYS A 258 -16.98 23.50 -21.05
N ALA A 259 -16.25 22.76 -20.21
CA ALA A 259 -16.46 21.34 -20.05
C ALA A 259 -15.66 20.89 -18.85
N VAL A 260 -16.15 19.84 -18.21
CA VAL A 260 -15.55 19.35 -16.99
C VAL A 260 -15.18 17.88 -17.11
N VAL A 261 -13.98 17.53 -16.67
CA VAL A 261 -13.66 16.11 -16.45
C VAL A 261 -13.47 15.86 -14.95
N LEU A 262 -14.22 14.91 -14.42
CA LEU A 262 -14.31 14.70 -12.98
C LEU A 262 -13.88 13.28 -12.58
N GLN A 263 -12.80 13.21 -11.82
CA GLN A 263 -12.28 11.95 -11.33
C GLN A 263 -12.76 11.73 -9.89
N LEU A 264 -13.50 10.64 -9.69
CA LEU A 264 -14.15 10.36 -8.42
C LEU A 264 -13.58 9.11 -7.68
N GLY A 265 -12.27 8.96 -7.67
CA GLY A 265 -11.65 7.88 -6.94
C GLY A 265 -12.32 7.70 -5.60
N ALA A 266 -12.58 6.44 -5.25
CA ALA A 266 -13.31 6.12 -4.02
C ALA A 266 -12.40 5.71 -2.87
N ASP A 267 -11.10 6.01 -2.97
CA ASP A 267 -10.23 5.70 -1.85
C ASP A 267 -10.29 6.73 -0.73
N THR A 268 -11.26 7.63 -0.79
CA THR A 268 -11.55 8.59 0.27
C THR A 268 -12.58 8.01 1.24
N ILE A 269 -13.28 6.96 0.80
CA ILE A 269 -14.44 6.47 1.53
C ILE A 269 -14.04 5.67 2.75
N ALA A 270 -14.64 5.99 3.90
CA ALA A 270 -14.36 5.28 5.13
C ALA A 270 -14.21 3.79 4.87
N GLY A 271 -13.18 3.17 5.46
CA GLY A 271 -12.99 1.73 5.34
C GLY A 271 -12.14 1.26 4.16
N ASP A 272 -11.59 2.20 3.39
CA ASP A 272 -10.67 1.86 2.32
C ASP A 272 -9.34 1.39 2.93
N PRO A 273 -8.68 0.40 2.30
CA PRO A 273 -7.31 0.05 2.69
C PRO A 273 -6.34 1.26 2.79
N MET A 274 -6.57 2.32 2.00
CA MET A 274 -5.69 3.49 2.05
C MET A 274 -5.82 4.25 3.38
N CYS A 275 -6.85 3.88 4.13
CA CYS A 275 -7.08 4.31 5.53
C CYS A 275 -6.66 5.73 5.92
N SER A 276 -7.16 6.73 5.18
CA SER A 276 -6.83 8.13 5.43
C SER A 276 -8.04 9.03 5.70
N PHE A 277 -8.99 9.08 4.77
CA PHE A 277 -10.15 9.96 4.94
C PHE A 277 -11.31 9.20 5.57
N ASN A 278 -12.37 9.95 5.92
CA ASN A 278 -13.53 9.37 6.56
C ASN A 278 -14.82 9.77 5.86
N MET A 279 -14.76 9.79 4.54
CA MET A 279 -15.90 10.22 3.72
C MET A 279 -16.94 9.13 3.54
N THR A 280 -18.15 9.52 3.15
CA THR A 280 -19.13 8.57 2.62
C THR A 280 -19.54 9.10 1.26
N PRO A 281 -20.24 8.27 0.49
CA PRO A 281 -20.64 8.70 -0.85
C PRO A 281 -21.60 9.90 -0.86
N VAL A 282 -22.32 10.13 0.24
CA VAL A 282 -23.22 11.28 0.29
C VAL A 282 -22.41 12.56 0.16
N GLY A 283 -21.29 12.64 0.85
CA GLY A 283 -20.42 13.81 0.80
C GLY A 283 -19.89 14.06 -0.60
N ILE A 284 -19.25 13.04 -1.18
CA ILE A 284 -18.80 13.15 -2.56
C ILE A 284 -19.98 13.48 -3.45
N GLY A 285 -21.13 12.87 -3.15
CA GLY A 285 -22.34 13.11 -3.91
C GLY A 285 -22.72 14.58 -3.98
N LYS A 286 -22.62 15.29 -2.85
CA LYS A 286 -22.91 16.72 -2.85
C LYS A 286 -21.93 17.49 -3.76
N CYS A 287 -20.65 17.12 -3.71
CA CYS A 287 -19.67 17.78 -4.59
C CYS A 287 -20.08 17.54 -6.03
N LEU A 288 -20.50 16.31 -6.31
CA LEU A 288 -20.95 15.96 -7.65
C LEU A 288 -22.13 16.84 -8.09
N LYS A 289 -23.16 16.94 -7.26
CA LYS A 289 -24.33 17.76 -7.59
C LYS A 289 -23.96 19.18 -7.94
N TYR A 290 -23.01 19.74 -7.18
CA TYR A 290 -22.57 21.13 -7.39
C TYR A 290 -22.00 21.31 -8.78
N ILE A 291 -21.19 20.36 -9.20
CA ILE A 291 -20.64 20.38 -10.56
C ILE A 291 -21.70 20.18 -11.64
N LEU A 292 -22.67 19.30 -11.39
CA LEU A 292 -23.71 19.00 -12.35
C LEU A 292 -24.63 20.18 -12.64
N GLN A 293 -24.85 21.03 -11.64
CA GLN A 293 -25.73 22.18 -11.84
C GLN A 293 -25.13 23.25 -12.76
N TRP A 294 -23.83 23.17 -13.06
CA TRP A 294 -23.22 24.02 -14.08
C TRP A 294 -23.74 23.65 -15.47
N GLN A 295 -24.31 22.46 -15.60
CA GLN A 295 -24.85 22.02 -16.89
C GLN A 295 -23.81 22.09 -18.00
N LEU A 296 -22.58 21.73 -17.72
CA LEU A 296 -21.57 21.70 -18.76
C LEU A 296 -21.40 20.26 -19.19
N ALA A 297 -20.88 20.04 -20.39
CA ALA A 297 -20.53 18.69 -20.81
C ALA A 297 -19.59 18.12 -19.75
N THR A 298 -19.95 16.98 -19.16
CA THR A 298 -19.15 16.45 -18.06
C THR A 298 -18.76 14.98 -18.22
N LEU A 299 -17.48 14.71 -18.09
CA LEU A 299 -16.98 13.36 -18.25
C LEU A 299 -16.58 12.83 -16.87
N ILE A 300 -17.28 11.77 -16.46
CA ILE A 300 -17.20 11.22 -15.11
C ILE A 300 -16.34 9.98 -15.14
N LEU A 301 -15.33 9.96 -14.29
CA LEU A 301 -14.37 8.85 -14.20
C LEU A 301 -14.27 8.31 -12.77
N GLY A 302 -13.92 7.03 -12.66
CA GLY A 302 -13.68 6.40 -11.37
C GLY A 302 -12.22 6.62 -10.98
N GLY A 303 -11.53 5.55 -10.58
CA GLY A 303 -10.13 5.71 -10.22
C GLY A 303 -9.77 4.78 -9.09
N GLY A 304 -9.21 5.34 -8.02
CA GLY A 304 -8.92 4.57 -6.82
C GLY A 304 -10.20 4.03 -6.20
N GLY A 305 -10.06 3.14 -5.23
CA GLY A 305 -11.20 2.53 -4.57
C GLY A 305 -10.75 1.10 -4.33
N TYR A 306 -10.22 0.82 -3.14
CA TYR A 306 -9.58 -0.47 -2.93
C TYR A 306 -10.35 -1.41 -1.99
N ASN A 307 -11.41 -0.89 -1.40
CA ASN A 307 -12.46 -1.71 -0.79
C ASN A 307 -13.54 -1.89 -1.84
N LEU A 308 -13.55 -3.05 -2.50
CA LEU A 308 -14.32 -3.22 -3.71
C LEU A 308 -15.83 -3.04 -3.54
N ALA A 309 -16.42 -3.69 -2.55
CA ALA A 309 -17.82 -3.50 -2.28
C ALA A 309 -18.14 -2.03 -1.93
N ASN A 310 -17.34 -1.40 -1.09
CA ASN A 310 -17.59 0.01 -0.81
C ASN A 310 -17.46 0.90 -2.08
N THR A 311 -16.53 0.56 -2.97
CA THR A 311 -16.34 1.32 -4.20
C THR A 311 -17.55 1.18 -5.11
N ALA A 312 -18.15 0.00 -5.14
CA ALA A 312 -19.37 -0.20 -5.89
C ALA A 312 -20.53 0.57 -5.24
N ARG A 313 -20.63 0.46 -3.92
CA ARG A 313 -21.60 1.26 -3.19
C ARG A 313 -21.51 2.73 -3.56
N CYS A 314 -20.30 3.27 -3.57
CA CYS A 314 -20.12 4.69 -3.81
C CYS A 314 -20.54 5.08 -5.24
N TRP A 315 -20.02 4.35 -6.21
CA TRP A 315 -20.20 4.70 -7.60
C TRP A 315 -21.61 4.40 -8.09
N THR A 316 -22.27 3.47 -7.43
CA THR A 316 -23.67 3.23 -7.71
C THR A 316 -24.51 4.39 -7.17
N TYR A 317 -24.25 4.77 -5.92
CA TYR A 317 -24.97 5.89 -5.35
C TYR A 317 -24.77 7.15 -6.22
N LEU A 318 -23.53 7.36 -6.68
CA LEU A 318 -23.24 8.54 -7.50
C LEU A 318 -23.93 8.49 -8.87
N THR A 319 -24.13 7.29 -9.42
CA THR A 319 -24.90 7.16 -10.65
C THR A 319 -26.35 7.61 -10.37
N GLY A 320 -26.89 7.17 -9.24
CA GLY A 320 -28.17 7.65 -8.77
C GLY A 320 -28.24 9.17 -8.70
N VAL A 321 -27.26 9.80 -8.07
CA VAL A 321 -27.17 11.25 -8.08
C VAL A 321 -27.20 11.81 -9.50
N ILE A 322 -26.38 11.26 -10.38
CA ILE A 322 -26.39 11.69 -11.78
C ILE A 322 -27.80 11.60 -12.36
N LEU A 323 -28.55 10.58 -11.95
CA LEU A 323 -29.84 10.29 -12.55
C LEU A 323 -31.00 10.97 -11.80
N GLY A 324 -30.67 11.72 -10.75
CA GLY A 324 -31.69 12.36 -9.93
C GLY A 324 -32.60 11.37 -9.21
N LYS A 325 -32.07 10.19 -8.94
CA LYS A 325 -32.85 9.09 -8.37
C LYS A 325 -32.44 8.80 -6.94
N THR A 326 -33.41 8.36 -6.14
CA THR A 326 -33.14 7.95 -4.78
C THR A 326 -33.19 6.44 -4.75
N LEU A 327 -32.06 5.83 -4.40
CA LEU A 327 -31.94 4.38 -4.42
C LEU A 327 -32.38 3.76 -3.10
N SER A 328 -32.88 2.54 -3.17
CA SER A 328 -33.23 1.79 -1.98
C SER A 328 -31.96 1.45 -1.20
N SER A 329 -32.00 1.62 0.12
CA SER A 329 -30.85 1.32 0.97
C SER A 329 -30.52 -0.18 1.08
N GLU A 330 -31.50 -1.02 0.80
CA GLU A 330 -31.23 -2.47 0.73
C GLU A 330 -30.50 -2.86 -0.55
N ILE A 331 -29.32 -3.45 -0.41
CA ILE A 331 -28.59 -3.97 -1.56
C ILE A 331 -29.40 -5.04 -2.30
N PRO A 332 -29.70 -4.78 -3.58
CA PRO A 332 -30.48 -5.74 -4.36
C PRO A 332 -29.75 -7.07 -4.45
N ASP A 333 -30.50 -8.15 -4.50
CA ASP A 333 -29.95 -9.45 -4.87
C ASP A 333 -29.25 -9.30 -6.22
N HIS A 334 -28.06 -9.87 -6.35
CA HIS A 334 -27.36 -9.91 -7.63
C HIS A 334 -26.12 -10.82 -7.51
N GLU A 335 -25.35 -10.92 -8.59
CA GLU A 335 -24.18 -11.78 -8.63
C GLU A 335 -23.28 -11.69 -7.39
N PHE A 336 -23.05 -10.47 -6.90
CA PHE A 336 -22.10 -10.27 -5.81
C PHE A 336 -22.76 -9.91 -4.49
N PHE A 337 -24.02 -10.31 -4.31
CA PHE A 337 -24.74 -9.95 -3.11
C PHE A 337 -23.95 -10.28 -1.84
N THR A 338 -23.30 -11.45 -1.81
CA THR A 338 -22.64 -11.90 -0.58
C THR A 338 -21.47 -11.04 -0.12
N ALA A 339 -20.94 -10.22 -1.03
CA ALA A 339 -19.81 -9.35 -0.69
C ALA A 339 -20.25 -8.14 0.14
N TYR A 340 -21.55 -7.98 0.33
CA TYR A 340 -22.08 -6.79 0.99
C TYR A 340 -22.41 -6.96 2.47
N GLY A 341 -22.09 -8.13 3.02
CA GLY A 341 -22.29 -8.39 4.44
C GLY A 341 -21.41 -7.53 5.30
N PRO A 342 -21.72 -7.41 6.59
CA PRO A 342 -22.81 -8.13 7.27
C PRO A 342 -24.16 -7.41 7.23
N ASP A 343 -24.23 -6.21 6.65
CA ASP A 343 -25.45 -5.40 6.73
C ASP A 343 -26.25 -5.35 5.43
N TYR A 344 -25.58 -5.54 4.30
CA TYR A 344 -26.26 -5.56 3.01
C TYR A 344 -27.06 -4.29 2.72
N VAL A 345 -26.55 -3.15 3.17
CA VAL A 345 -27.13 -1.88 2.78
C VAL A 345 -26.15 -1.05 1.93
N LEU A 346 -26.68 -0.01 1.30
CA LEU A 346 -25.93 0.84 0.37
C LEU A 346 -25.08 1.87 1.11
N GLU A 347 -25.59 2.33 2.24
CA GLU A 347 -24.92 3.38 3.00
C GLU A 347 -23.64 2.89 3.70
N ILE A 348 -22.68 3.80 3.77
CA ILE A 348 -21.43 3.52 4.48
C ILE A 348 -21.35 4.38 5.74
N THR A 349 -21.01 3.74 6.86
CA THR A 349 -20.86 4.43 8.14
C THR A 349 -19.43 4.96 8.34
N PRO A 350 -19.29 6.26 8.67
CA PRO A 350 -17.94 6.78 8.97
C PRO A 350 -17.31 5.96 10.08
N SER A 351 -15.98 5.94 10.12
CA SER A 351 -15.28 5.27 11.21
C SER A 351 -15.07 6.20 12.42
N CYS A 352 -14.57 5.63 13.51
CA CYS A 352 -14.19 6.42 14.69
C CYS A 352 -12.71 6.73 14.62
N ARG A 353 -12.37 7.73 13.81
CA ARG A 353 -11.01 8.21 13.70
C ARG A 353 -11.01 9.72 13.81
N PRO A 354 -9.92 10.29 14.35
CA PRO A 354 -9.89 11.74 14.56
C PRO A 354 -9.79 12.48 13.24
N ASP A 355 -10.49 13.61 13.14
CA ASP A 355 -10.36 14.53 12.02
C ASP A 355 -9.21 15.50 12.34
N ARG A 356 -8.09 15.36 11.60
CA ARG A 356 -6.89 16.14 11.90
C ARG A 356 -6.82 17.45 11.14
N ASN A 357 -7.90 17.83 10.48
CA ASN A 357 -7.93 19.11 9.81
C ASN A 357 -8.31 20.28 10.73
N GLU A 358 -7.34 21.13 11.05
CA GLU A 358 -7.58 22.29 11.91
C GLU A 358 -8.28 23.38 11.10
N PRO A 359 -9.39 23.90 11.63
CA PRO A 359 -10.14 24.94 10.93
C PRO A 359 -9.24 26.11 10.44
N HIS A 360 -8.17 26.49 11.16
CA HIS A 360 -7.25 27.51 10.67
C HIS A 360 -6.47 27.20 9.40
N ARG A 361 -5.81 26.05 9.45
CA ARG A 361 -5.07 25.57 8.32
C ARG A 361 -5.99 25.61 7.10
N ILE A 362 -7.19 25.05 7.23
CA ILE A 362 -8.12 25.02 6.12
C ILE A 362 -8.39 26.42 5.58
N GLN A 363 -8.66 27.37 6.47
CA GLN A 363 -8.97 28.72 6.06
C GLN A 363 -7.78 29.41 5.40
N GLN A 364 -6.58 29.15 5.92
CA GLN A 364 -5.36 29.63 5.27
C GLN A 364 -5.28 29.07 3.87
N ILE A 365 -5.58 27.79 3.71
CA ILE A 365 -5.47 27.16 2.40
C ILE A 365 -6.41 27.82 1.39
N LEU A 366 -7.67 27.95 1.78
CA LEU A 366 -8.67 28.59 0.93
C LEU A 366 -8.25 30.02 0.53
N ASN A 367 -7.68 30.75 1.49
CA ASN A 367 -7.21 32.11 1.23
C ASN A 367 -6.09 32.17 0.19
N TYR A 368 -5.14 31.25 0.28
CA TYR A 368 -4.11 31.20 -0.74
C TYR A 368 -4.75 31.01 -2.10
N ILE A 369 -5.60 29.99 -2.19
CA ILE A 369 -6.25 29.63 -3.44
C ILE A 369 -7.01 30.85 -3.98
N LYS A 370 -7.83 31.45 -3.11
CA LYS A 370 -8.57 32.66 -3.45
C LYS A 370 -7.65 33.69 -4.11
N GLY A 371 -6.51 33.94 -3.48
CA GLY A 371 -5.54 34.89 -3.99
C GLY A 371 -5.01 34.47 -5.35
N ASN A 372 -4.58 33.21 -5.46
CA ASN A 372 -4.08 32.68 -6.72
C ASN A 372 -5.04 32.94 -7.86
N LEU A 373 -6.30 32.63 -7.62
CA LEU A 373 -7.34 32.69 -8.65
C LEU A 373 -7.60 34.10 -9.17
N LYS A 374 -7.42 35.10 -8.33
CA LYS A 374 -7.60 36.48 -8.77
C LYS A 374 -6.70 36.77 -9.98
N HIS A 375 -5.59 36.04 -10.09
CA HIS A 375 -4.68 36.24 -11.21
C HIS A 375 -5.24 35.58 -12.48
N VAL A 376 -6.22 34.72 -12.31
CA VAL A 376 -6.81 34.04 -13.44
C VAL A 376 -7.89 34.91 -14.09
N VAL A 377 -7.67 35.32 -15.34
CA VAL A 377 -8.66 36.07 -16.11
C VAL A 377 -8.84 35.51 -17.54
N SER B 13 33.39 -22.57 16.60
CA SER B 13 32.76 -21.83 15.52
C SER B 13 31.73 -20.83 16.06
N LEU B 14 32.14 -20.03 17.03
CA LEU B 14 31.34 -18.92 17.56
C LEU B 14 31.09 -17.85 16.49
N VAL B 15 30.76 -18.29 15.30
CA VAL B 15 30.64 -17.39 14.16
C VAL B 15 29.22 -17.51 13.60
N PRO B 16 28.56 -16.36 13.38
CA PRO B 16 27.20 -16.32 12.85
C PRO B 16 27.06 -17.10 11.55
N VAL B 17 25.98 -17.85 11.42
CA VAL B 17 25.67 -18.50 10.15
C VAL B 17 24.96 -17.47 9.27
N TYR B 18 25.27 -17.48 7.98
CA TYR B 18 24.69 -16.56 7.03
C TYR B 18 24.10 -17.41 5.92
N ILE B 19 22.76 -17.52 5.89
CA ILE B 19 22.08 -18.30 4.86
C ILE B 19 22.12 -17.59 3.51
N TYR B 20 22.73 -18.25 2.53
CA TYR B 20 22.87 -17.67 1.21
C TYR B 20 23.28 -18.69 0.15
N SER B 21 22.90 -18.40 -1.09
CA SER B 21 23.37 -19.10 -2.26
C SER B 21 22.86 -18.29 -3.47
N PRO B 22 23.65 -18.23 -4.56
CA PRO B 22 23.22 -17.48 -5.74
C PRO B 22 21.80 -17.83 -6.14
N GLU B 23 21.42 -19.10 -6.04
CA GLU B 23 20.08 -19.55 -6.41
C GLU B 23 19.01 -18.98 -5.50
N TYR B 24 19.25 -19.00 -4.20
CA TYR B 24 18.27 -18.52 -3.23
C TYR B 24 18.02 -17.03 -3.46
N VAL B 25 19.09 -16.27 -3.64
CA VAL B 25 18.95 -14.84 -3.85
C VAL B 25 18.13 -14.51 -5.10
N SER B 26 18.43 -15.22 -6.19
CA SER B 26 17.76 -15.05 -7.47
C SER B 26 16.28 -15.39 -7.31
N MET B 27 15.99 -16.48 -6.63
CA MET B 27 14.60 -16.77 -6.35
C MET B 27 13.95 -15.58 -5.63
N CYS B 28 14.59 -15.08 -4.57
CA CYS B 28 14.00 -14.00 -3.78
C CYS B 28 13.91 -12.69 -4.53
N ASP B 29 14.87 -12.44 -5.41
CA ASP B 29 14.88 -11.24 -6.23
C ASP B 29 13.63 -11.13 -7.11
N SER B 30 12.91 -12.24 -7.31
CA SER B 30 11.80 -12.32 -8.28
C SER B 30 10.45 -11.75 -7.82
N LEU B 31 10.31 -11.47 -6.53
CA LEU B 31 9.09 -10.86 -6.01
C LEU B 31 8.81 -9.49 -6.62
N ALA B 32 7.64 -9.33 -7.24
CA ALA B 32 7.36 -8.11 -7.99
C ALA B 32 7.36 -6.85 -7.14
N LYS B 33 6.96 -6.97 -5.88
CA LYS B 33 6.81 -5.77 -5.06
C LYS B 33 8.16 -5.27 -4.52
N ILE B 34 9.14 -6.16 -4.47
CA ILE B 34 10.49 -5.82 -3.97
C ILE B 34 11.62 -6.36 -4.88
N PRO B 35 11.57 -5.99 -6.16
CA PRO B 35 12.43 -6.60 -7.18
C PRO B 35 13.89 -6.37 -6.85
N LYS B 36 14.67 -7.44 -6.84
CA LYS B 36 16.08 -7.42 -6.52
C LYS B 36 16.48 -6.95 -5.11
N ARG B 37 15.53 -6.88 -4.18
CA ARG B 37 15.88 -6.46 -2.83
C ARG B 37 16.90 -7.42 -2.24
N ALA B 38 16.75 -8.71 -2.52
CA ALA B 38 17.62 -9.71 -1.92
C ALA B 38 19.07 -9.52 -2.42
N SER B 39 19.23 -9.21 -3.70
CA SER B 39 20.57 -8.95 -4.24
C SER B 39 21.16 -7.66 -3.71
N MET B 40 20.34 -6.63 -3.58
CA MET B 40 20.84 -5.40 -3.03
C MET B 40 21.37 -5.58 -1.61
N VAL B 41 20.67 -6.38 -0.81
CA VAL B 41 21.02 -6.64 0.57
C VAL B 41 22.28 -7.50 0.67
N HIS B 42 22.31 -8.60 -0.08
CA HIS B 42 23.51 -9.41 -0.14
C HIS B 42 24.72 -8.66 -0.72
N SER B 43 24.50 -7.91 -1.79
CA SER B 43 25.58 -7.22 -2.47
C SER B 43 26.23 -6.22 -1.52
N LEU B 44 25.43 -5.49 -0.77
CA LEU B 44 25.96 -4.46 0.11
C LEU B 44 26.78 -5.09 1.23
N ILE B 45 26.19 -6.08 1.90
CA ILE B 45 26.89 -6.87 2.91
C ILE B 45 28.23 -7.39 2.38
N GLU B 46 28.21 -8.01 1.21
CA GLU B 46 29.42 -8.53 0.60
C GLU B 46 30.35 -7.38 0.24
N ALA B 47 29.79 -6.24 -0.13
CA ALA B 47 30.59 -5.05 -0.43
C ALA B 47 31.36 -4.58 0.80
N TYR B 48 30.71 -4.64 1.95
CA TYR B 48 31.37 -4.32 3.22
C TYR B 48 32.25 -5.47 3.71
N ALA B 49 32.30 -6.56 2.95
CA ALA B 49 33.16 -7.71 3.25
C ALA B 49 32.72 -8.45 4.52
N LEU B 50 31.44 -8.34 4.88
CA LEU B 50 30.98 -8.97 6.11
C LEU B 50 30.80 -10.47 5.97
N HIS B 51 30.57 -10.94 4.75
CA HIS B 51 30.37 -12.37 4.55
C HIS B 51 31.62 -13.15 4.93
N LYS B 52 32.77 -12.47 4.90
CA LYS B 52 34.04 -13.11 5.19
C LYS B 52 34.17 -13.44 6.67
N GLN B 53 33.38 -12.76 7.50
CA GLN B 53 33.38 -13.02 8.93
C GLN B 53 32.20 -13.87 9.37
N MET B 54 31.53 -14.49 8.41
CA MET B 54 30.38 -15.32 8.71
C MET B 54 30.56 -16.67 8.06
N ARG B 55 29.77 -17.63 8.51
CA ARG B 55 29.74 -18.96 7.92
C ARG B 55 28.58 -19.08 6.94
N ILE B 56 28.89 -19.08 5.65
CA ILE B 56 27.84 -19.09 4.63
C ILE B 56 27.27 -20.48 4.46
N VAL B 57 25.97 -20.59 4.63
CA VAL B 57 25.29 -21.87 4.56
C VAL B 57 24.24 -21.82 3.46
N LYS B 58 24.37 -22.73 2.50
CA LYS B 58 23.40 -22.85 1.43
C LYS B 58 22.08 -23.33 2.01
N PRO B 59 20.98 -22.63 1.68
CA PRO B 59 19.70 -23.08 2.21
C PRO B 59 19.20 -24.29 1.45
N LYS B 60 18.48 -25.17 2.15
CA LYS B 60 17.73 -26.22 1.46
C LYS B 60 16.33 -25.70 1.11
N VAL B 61 15.73 -26.31 0.11
CA VAL B 61 14.32 -26.09 -0.19
C VAL B 61 13.42 -26.92 0.76
N ALA B 62 12.38 -26.31 1.29
CA ALA B 62 11.44 -27.02 2.15
C ALA B 62 10.64 -28.09 1.42
N SER B 63 10.48 -29.24 2.06
CA SER B 63 9.59 -30.28 1.57
C SER B 63 8.13 -29.93 1.87
N MET B 64 7.21 -30.62 1.22
CA MET B 64 5.79 -30.41 1.50
C MET B 64 5.50 -30.72 2.97
N GLU B 65 6.22 -31.70 3.53
CA GLU B 65 6.01 -32.10 4.92
C GLU B 65 6.55 -31.03 5.87
N GLU B 66 7.63 -30.38 5.50
CA GLU B 66 8.16 -29.31 6.33
C GLU B 66 7.23 -28.08 6.33
N MET B 67 6.79 -27.67 5.14
CA MET B 67 5.82 -26.58 5.04
C MET B 67 4.50 -26.96 5.73
N ALA B 68 4.15 -28.24 5.71
CA ALA B 68 2.91 -28.69 6.33
C ALA B 68 2.91 -28.67 7.86
N THR B 69 4.06 -28.45 8.49
CA THR B 69 4.06 -28.30 9.95
C THR B 69 3.18 -27.11 10.37
N PHE B 70 2.98 -26.17 9.44
CA PHE B 70 2.10 -25.04 9.71
C PHE B 70 0.93 -24.94 8.75
N HIS B 71 1.24 -24.82 7.46
CA HIS B 71 0.19 -24.61 6.47
C HIS B 71 -0.59 -25.89 6.21
N THR B 72 -1.88 -25.74 5.87
CA THR B 72 -2.74 -26.88 5.53
C THR B 72 -2.39 -27.46 4.16
N ASP B 73 -2.62 -28.76 4.00
CA ASP B 73 -2.34 -29.45 2.75
C ASP B 73 -3.15 -28.79 1.63
N ALA B 74 -4.39 -28.46 1.94
CA ALA B 74 -5.28 -27.80 0.97
C ALA B 74 -4.64 -26.53 0.42
N TYR B 75 -4.15 -25.68 1.32
CA TYR B 75 -3.52 -24.42 0.93
C TYR B 75 -2.28 -24.68 0.07
N LEU B 76 -1.40 -25.54 0.57
CA LEU B 76 -0.15 -25.85 -0.13
C LEU B 76 -0.40 -26.51 -1.49
N GLN B 77 -1.40 -27.37 -1.56
CA GLN B 77 -1.68 -28.06 -2.82
C GLN B 77 -2.21 -27.03 -3.82
N HIS B 78 -2.92 -26.04 -3.31
CA HIS B 78 -3.50 -25.04 -4.18
C HIS B 78 -2.44 -24.06 -4.68
N LEU B 79 -1.54 -23.68 -3.79
CA LEU B 79 -0.43 -22.79 -4.12
C LEU B 79 0.41 -23.41 -5.23
N GLN B 80 0.78 -24.67 -5.07
CA GLN B 80 1.51 -25.39 -6.10
C GLN B 80 0.74 -25.43 -7.42
N LYS B 81 -0.55 -25.74 -7.32
CA LYS B 81 -1.43 -25.74 -8.49
C LYS B 81 -1.27 -24.47 -9.30
N VAL B 82 -1.59 -23.34 -8.67
CA VAL B 82 -1.59 -22.06 -9.36
C VAL B 82 -0.18 -21.61 -9.78
N SER B 83 0.83 -22.08 -9.06
CA SER B 83 2.22 -21.75 -9.40
C SER B 83 2.64 -22.51 -10.66
N ILE B 94 -11.69 -20.70 -2.31
CA ILE B 94 -10.77 -21.01 -3.39
C ILE B 94 -9.87 -19.81 -3.69
N GLU B 95 -9.88 -18.83 -2.79
CA GLU B 95 -8.97 -17.71 -2.90
C GLU B 95 -7.73 -18.02 -2.07
N TYR B 96 -7.93 -18.53 -0.84
CA TYR B 96 -6.81 -18.71 0.08
C TYR B 96 -6.03 -17.40 0.23
N GLY B 97 -6.74 -16.27 0.15
CA GLY B 97 -6.11 -14.96 0.28
C GLY B 97 -5.26 -14.56 -0.92
N LEU B 98 -5.28 -15.40 -1.94
CA LEU B 98 -4.43 -15.23 -3.12
C LEU B 98 -4.97 -14.20 -4.11
N GLY B 99 -5.09 -12.95 -3.66
CA GLY B 99 -5.44 -11.84 -4.53
C GLY B 99 -5.31 -10.52 -3.77
N TYR B 100 -5.57 -9.41 -4.47
CA TYR B 100 -5.48 -8.09 -3.85
C TYR B 100 -4.04 -7.69 -3.55
N ASP B 101 -3.59 -7.97 -2.33
CA ASP B 101 -2.18 -7.76 -1.97
C ASP B 101 -1.30 -8.97 -2.27
N CYS B 102 -1.93 -10.13 -2.47
CA CYS B 102 -1.17 -11.37 -2.59
C CYS B 102 -1.52 -12.20 -3.82
N PRO B 103 -1.36 -11.63 -5.02
CA PRO B 103 -1.68 -12.34 -6.25
C PRO B 103 -0.75 -13.54 -6.45
N ALA B 104 -1.31 -14.67 -6.84
CA ALA B 104 -0.50 -15.83 -7.22
C ALA B 104 0.14 -15.62 -8.60
N THR B 105 1.46 -15.59 -8.64
CA THR B 105 2.18 -15.54 -9.91
C THR B 105 2.75 -16.92 -10.18
N GLU B 106 3.34 -17.12 -11.35
CA GLU B 106 3.95 -18.41 -11.66
C GLU B 106 5.23 -18.60 -10.86
N GLY B 107 5.40 -19.79 -10.30
CA GLY B 107 6.61 -20.11 -9.57
C GLY B 107 6.57 -19.67 -8.12
N ILE B 108 5.45 -19.09 -7.71
CA ILE B 108 5.29 -18.62 -6.34
C ILE B 108 5.43 -19.76 -5.33
N PHE B 109 5.16 -20.99 -5.76
CA PHE B 109 5.30 -22.11 -4.86
C PHE B 109 6.75 -22.49 -4.64
N ASP B 110 7.55 -22.40 -5.70
CA ASP B 110 9.00 -22.61 -5.59
C ASP B 110 9.60 -21.50 -4.72
N TYR B 111 9.06 -20.29 -4.89
CA TYR B 111 9.49 -19.17 -4.06
C TYR B 111 9.21 -19.47 -2.58
N ALA B 112 7.96 -19.81 -2.29
CA ALA B 112 7.54 -20.10 -0.94
C ALA B 112 8.43 -21.17 -0.31
N ALA B 113 8.70 -22.23 -1.07
CA ALA B 113 9.45 -23.35 -0.57
C ALA B 113 10.90 -22.98 -0.32
N ALA B 114 11.41 -22.06 -1.13
CA ALA B 114 12.77 -21.61 -0.97
C ALA B 114 12.90 -20.85 0.34
N ILE B 115 11.99 -19.93 0.59
CA ILE B 115 12.10 -19.13 1.82
C ILE B 115 11.84 -19.95 3.09
N GLY B 116 10.85 -20.83 3.03
CA GLY B 116 10.60 -21.74 4.13
C GLY B 116 11.80 -22.60 4.45
N GLY B 117 12.38 -23.22 3.43
CA GLY B 117 13.53 -24.09 3.62
C GLY B 117 14.76 -23.35 4.15
N ALA B 118 14.91 -22.10 3.72
CA ALA B 118 16.04 -21.30 4.16
C ALA B 118 15.93 -20.96 5.66
N THR B 119 14.73 -20.62 6.10
CA THR B 119 14.54 -20.36 7.53
C THR B 119 14.64 -21.64 8.39
N ILE B 120 14.23 -22.78 7.84
CA ILE B 120 14.36 -24.04 8.56
C ILE B 120 15.84 -24.40 8.64
N THR B 121 16.56 -24.19 7.55
CA THR B 121 18.01 -24.40 7.55
C THR B 121 18.66 -23.56 8.64
N ALA B 122 18.21 -22.30 8.76
CA ALA B 122 18.72 -21.43 9.81
C ALA B 122 18.50 -22.05 11.17
N ALA B 123 17.27 -22.51 11.40
CA ALA B 123 16.88 -23.15 12.65
C ALA B 123 17.69 -24.41 12.96
N GLN B 124 17.87 -25.25 11.94
CA GLN B 124 18.54 -26.53 12.14
C GLN B 124 20.00 -26.31 12.53
N CYS B 125 20.63 -25.31 11.91
CA CYS B 125 21.98 -24.92 12.30
C CYS B 125 22.03 -24.55 13.75
N LEU B 126 21.05 -23.78 14.19
CA LEU B 126 21.03 -23.33 15.58
C LEU B 126 20.83 -24.52 16.51
N ILE B 127 20.00 -25.46 16.09
CA ILE B 127 19.82 -26.68 16.87
C ILE B 127 21.14 -27.43 16.97
N ASP B 128 21.86 -27.55 15.86
CA ASP B 128 23.06 -28.37 15.82
C ASP B 128 24.28 -27.74 16.49
N GLY B 129 24.07 -26.61 17.15
CA GLY B 129 25.16 -25.93 17.85
C GLY B 129 26.22 -25.34 16.93
N MET B 130 25.92 -25.35 15.64
CA MET B 130 26.79 -24.79 14.62
C MET B 130 27.10 -23.31 14.85
N CYS B 131 26.20 -22.63 15.53
CA CYS B 131 26.32 -21.19 15.73
C CYS B 131 25.38 -20.76 16.86
N LYS B 132 25.49 -19.50 17.29
CA LYS B 132 24.54 -18.92 18.24
C LYS B 132 23.62 -17.96 17.51
N VAL B 133 24.03 -17.56 16.31
CA VAL B 133 23.25 -16.64 15.48
C VAL B 133 23.20 -17.15 14.04
N ALA B 134 21.99 -17.26 13.52
CA ALA B 134 21.81 -17.70 12.14
C ALA B 134 20.91 -16.68 11.43
N ILE B 135 21.39 -16.13 10.31
CA ILE B 135 20.75 -15.02 9.63
C ILE B 135 20.11 -15.46 8.32
N ASN B 136 18.80 -15.20 8.17
CA ASN B 136 18.12 -15.31 6.88
C ASN B 136 17.38 -14.02 6.53
N TRP B 137 18.10 -13.05 5.96
CA TRP B 137 17.54 -11.71 5.72
C TRP B 137 16.31 -11.68 4.79
N SER B 138 16.17 -12.67 3.91
CA SER B 138 15.04 -12.67 3.00
C SER B 138 13.85 -13.47 3.55
N GLY B 139 13.93 -13.89 4.80
CA GLY B 139 12.78 -14.51 5.46
C GLY B 139 12.05 -13.47 6.29
N GLY B 140 11.10 -13.92 7.10
CA GLY B 140 10.40 -13.05 8.03
C GLY B 140 9.00 -12.64 7.57
N TRP B 141 8.42 -13.45 6.69
CA TRP B 141 7.09 -13.19 6.14
C TRP B 141 5.98 -13.62 7.11
N HIS B 142 5.74 -12.72 8.08
CA HIS B 142 5.07 -13.02 9.32
C HIS B 142 3.56 -13.00 9.30
N HIS B 143 2.97 -12.49 8.21
CA HIS B 143 1.50 -12.38 8.10
C HIS B 143 0.75 -13.63 7.59
N ALA B 144 1.43 -14.52 6.90
CA ALA B 144 0.70 -15.61 6.24
C ALA B 144 0.04 -16.54 7.29
N LYS B 145 -1.18 -16.97 6.99
CA LYS B 145 -1.90 -17.84 7.91
C LYS B 145 -1.79 -19.30 7.47
N LYS B 146 -2.29 -20.23 8.29
CA LYS B 146 -2.11 -21.64 7.97
C LYS B 146 -2.71 -21.95 6.61
N ASP B 147 -3.81 -21.27 6.28
CA ASP B 147 -4.49 -21.52 5.01
C ASP B 147 -4.82 -20.25 4.24
N GLU B 148 -4.05 -19.20 4.46
CA GLU B 148 -4.32 -17.93 3.79
C GLU B 148 -3.05 -17.11 3.60
N ALA B 149 -2.80 -16.63 2.38
CA ALA B 149 -1.74 -15.66 2.15
C ALA B 149 -2.26 -14.32 2.67
N SER B 150 -1.37 -13.42 3.03
CA SER B 150 -1.75 -12.13 3.61
C SER B 150 -0.53 -11.20 3.72
N GLY B 151 -0.74 -9.92 3.42
CA GLY B 151 0.31 -8.93 3.61
C GLY B 151 1.59 -9.19 2.84
N PHE B 152 1.45 -9.68 1.61
CA PHE B 152 2.59 -10.01 0.74
C PHE B 152 3.29 -11.30 1.20
N CYS B 153 2.74 -11.96 2.20
CA CYS B 153 3.35 -13.20 2.69
C CYS B 153 2.57 -14.38 2.15
N TYR B 154 3.26 -15.27 1.44
CA TYR B 154 2.65 -16.49 0.89
C TYR B 154 2.86 -17.70 1.78
N LEU B 155 4.01 -17.73 2.46
CA LEU B 155 4.30 -18.83 3.38
C LEU B 155 4.93 -18.23 4.62
N ASN B 156 4.53 -18.71 5.78
CA ASN B 156 5.05 -18.12 7.00
C ASN B 156 6.31 -18.84 7.48
N ASP B 157 7.46 -18.44 6.93
CA ASP B 157 8.73 -19.10 7.24
C ASP B 157 9.13 -18.85 8.68
N ALA B 158 8.67 -17.75 9.26
CA ALA B 158 8.95 -17.43 10.66
C ALA B 158 8.39 -18.51 11.57
N VAL B 159 7.13 -18.88 11.33
CA VAL B 159 6.51 -19.95 12.10
C VAL B 159 7.23 -21.24 11.84
N LEU B 160 7.68 -21.45 10.61
CA LEU B 160 8.33 -22.72 10.32
C LEU B 160 9.67 -22.77 11.04
N GLY B 161 10.28 -21.63 11.23
CA GLY B 161 11.54 -21.60 11.93
C GLY B 161 11.30 -21.95 13.39
N ILE B 162 10.22 -21.41 13.95
CA ILE B 162 9.93 -21.64 15.35
C ILE B 162 9.62 -23.12 15.60
N LEU B 163 8.77 -23.68 14.77
CA LEU B 163 8.39 -25.09 14.94
C LEU B 163 9.59 -26.02 14.89
N ARG B 164 10.56 -25.70 14.04
CA ARG B 164 11.80 -26.49 13.97
C ARG B 164 12.61 -26.34 15.26
N LEU B 165 12.81 -25.11 15.69
CA LEU B 165 13.52 -24.82 16.95
C LEU B 165 12.88 -25.61 18.09
N ARG B 166 11.55 -25.68 18.03
CA ARG B 166 10.72 -26.31 19.04
C ARG B 166 11.07 -27.80 19.26
N ARG B 167 11.69 -28.42 18.25
CA ARG B 167 12.23 -29.77 18.38
C ARG B 167 13.19 -29.89 19.54
N LYS B 168 13.87 -28.80 19.84
CA LYS B 168 14.95 -28.79 20.83
C LYS B 168 14.72 -27.84 22.02
N PHE B 169 14.11 -26.68 21.78
CA PHE B 169 13.93 -25.69 22.84
C PHE B 169 12.52 -25.68 23.42
N GLU B 170 12.44 -25.66 24.75
CA GLU B 170 11.17 -25.78 25.44
C GLU B 170 10.41 -24.46 25.49
N ARG B 171 11.14 -23.36 25.33
CA ARG B 171 10.55 -22.03 25.40
C ARG B 171 11.21 -21.14 24.36
N ILE B 172 10.43 -20.63 23.42
CA ILE B 172 10.96 -19.78 22.38
C ILE B 172 10.34 -18.39 22.46
N LEU B 173 11.17 -17.37 22.39
CA LEU B 173 10.67 -16.01 22.33
C LEU B 173 10.70 -15.47 20.90
N TYR B 174 9.53 -15.05 20.41
CA TYR B 174 9.45 -14.41 19.10
C TYR B 174 9.30 -12.90 19.28
N VAL B 175 10.20 -12.14 18.66
CA VAL B 175 10.19 -10.68 18.75
C VAL B 175 10.07 -10.10 17.36
N ASP B 176 9.04 -9.30 17.15
CA ASP B 176 8.69 -8.89 15.80
C ASP B 176 8.80 -7.37 15.80
N LEU B 177 9.79 -6.83 15.10
CA LEU B 177 9.98 -5.37 15.01
C LEU B 177 9.55 -4.74 13.68
N ASP B 178 9.00 -5.56 12.79
CA ASP B 178 8.37 -5.07 11.56
C ASP B 178 7.43 -3.89 11.89
N LEU B 179 7.07 -3.06 10.94
CA LEU B 179 6.09 -2.01 11.25
C LEU B 179 4.69 -2.61 11.55
N HIS B 180 4.38 -3.74 10.94
CA HIS B 180 3.02 -4.29 11.04
C HIS B 180 2.92 -5.36 12.14
N HIS B 181 1.76 -5.45 12.81
CA HIS B 181 1.51 -6.50 13.78
C HIS B 181 1.84 -7.91 13.22
N GLY B 182 2.60 -8.67 13.98
CA GLY B 182 2.95 -10.03 13.55
C GLY B 182 1.84 -11.03 13.82
N ASP B 183 0.72 -10.84 13.13
CA ASP B 183 -0.49 -11.60 13.36
C ASP B 183 -0.44 -13.08 12.94
N GLY B 184 0.24 -13.39 11.85
CA GLY B 184 0.39 -14.78 11.45
C GLY B 184 1.08 -15.60 12.51
N VAL B 185 2.22 -15.13 13.00
CA VAL B 185 2.97 -15.87 14.02
C VAL B 185 2.23 -15.93 15.36
N GLU B 186 1.67 -14.80 15.78
CA GLU B 186 0.91 -14.77 17.03
C GLU B 186 -0.26 -15.74 17.00
N ASP B 187 -1.06 -15.68 15.94
CA ASP B 187 -2.18 -16.61 15.77
C ASP B 187 -1.72 -18.07 15.80
N ALA B 188 -0.57 -18.34 15.20
CA ALA B 188 -0.05 -19.69 15.12
C ALA B 188 0.18 -20.24 16.52
N PHE B 189 0.56 -19.39 17.45
CA PHE B 189 0.88 -19.85 18.79
C PHE B 189 -0.02 -19.29 19.89
N SER B 190 -1.10 -18.61 19.55
CA SER B 190 -1.92 -17.95 20.58
C SER B 190 -2.45 -18.86 21.73
N PHE B 191 -2.54 -20.16 21.49
CA PHE B 191 -3.09 -21.06 22.50
C PHE B 191 -2.02 -21.83 23.27
N THR B 192 -0.75 -21.53 23.01
CA THR B 192 0.30 -22.27 23.69
C THR B 192 1.24 -21.37 24.50
N SER B 193 1.85 -21.92 25.53
CA SER B 193 2.71 -21.13 26.40
C SER B 193 4.18 -21.38 26.08
N LYS B 194 4.43 -22.20 25.06
CA LYS B 194 5.79 -22.66 24.78
C LYS B 194 6.57 -21.66 23.93
N VAL B 195 5.84 -20.77 23.28
CA VAL B 195 6.46 -19.75 22.45
C VAL B 195 5.82 -18.44 22.87
N MET B 196 6.56 -17.48 23.37
CA MET B 196 5.94 -16.19 23.64
C MET B 196 6.16 -15.25 22.45
N THR B 197 5.10 -14.57 22.01
CA THR B 197 5.27 -13.61 20.92
C THR B 197 5.16 -12.16 21.40
N VAL B 198 6.11 -11.34 20.94
CA VAL B 198 6.18 -9.95 21.30
C VAL B 198 6.25 -9.14 20.01
N SER B 199 5.30 -8.23 19.84
CA SER B 199 5.22 -7.46 18.61
C SER B 199 5.01 -5.98 18.94
N LEU B 200 5.92 -5.13 18.45
CA LEU B 200 5.78 -3.68 18.53
C LEU B 200 5.35 -3.25 17.14
N HIS B 201 4.33 -2.42 17.00
CA HIS B 201 3.80 -2.12 15.66
C HIS B 201 2.88 -0.92 15.65
N LYS B 202 2.70 -0.32 14.48
CA LYS B 202 1.69 0.71 14.34
C LYS B 202 0.29 0.11 14.51
N PHE B 203 -0.54 0.78 15.30
CA PHE B 203 -1.91 0.37 15.52
C PHE B 203 -2.77 1.62 15.37
N SER B 204 -3.59 1.62 14.33
CA SER B 204 -4.31 2.81 13.90
C SER B 204 -5.48 2.35 13.04
N PRO B 205 -6.56 3.14 13.03
CA PRO B 205 -7.79 2.74 12.30
C PRO B 205 -7.55 2.48 10.83
N GLY B 206 -7.95 1.30 10.36
CA GLY B 206 -7.79 0.93 8.96
C GLY B 206 -6.39 0.46 8.63
N PHE B 207 -5.44 0.71 9.52
CA PHE B 207 -4.06 0.23 9.29
C PHE B 207 -3.90 -1.29 9.45
N PHE B 208 -3.23 -1.90 8.47
CA PHE B 208 -3.13 -3.35 8.37
C PHE B 208 -2.24 -3.98 9.47
N PRO B 209 -2.66 -5.12 10.05
CA PRO B 209 -3.86 -5.90 9.72
C PRO B 209 -5.04 -5.63 10.66
N GLY B 210 -4.93 -4.61 11.51
CA GLY B 210 -6.06 -4.14 12.30
C GLY B 210 -6.07 -4.74 13.69
N THR B 211 -5.18 -5.71 13.93
CA THR B 211 -5.13 -6.45 15.18
C THR B 211 -3.92 -6.07 16.01
N GLY B 212 -3.87 -6.57 17.24
CA GLY B 212 -2.71 -6.38 18.08
C GLY B 212 -2.73 -5.17 19.00
N ASP B 213 -3.91 -4.78 19.49
CA ASP B 213 -3.96 -3.80 20.58
C ASP B 213 -3.33 -4.42 21.82
N VAL B 214 -3.06 -3.59 22.84
CA VAL B 214 -2.34 -4.06 24.01
C VAL B 214 -3.17 -5.10 24.77
N SER B 215 -4.48 -5.03 24.59
CA SER B 215 -5.39 -5.97 25.24
C SER B 215 -5.32 -7.36 24.58
N ASP B 216 -4.56 -7.47 23.48
CA ASP B 216 -4.37 -8.77 22.83
C ASP B 216 -3.34 -9.53 23.62
N VAL B 217 -3.77 -10.58 24.34
CA VAL B 217 -2.82 -11.31 25.19
C VAL B 217 -2.76 -12.81 24.90
N GLY B 218 -3.39 -13.25 23.83
CA GLY B 218 -3.41 -14.68 23.54
C GLY B 218 -4.61 -15.34 24.22
N LEU B 219 -4.87 -16.60 23.89
CA LEU B 219 -6.10 -17.26 24.32
C LEU B 219 -5.83 -18.56 25.07
N GLY B 220 -6.86 -19.02 25.79
CA GLY B 220 -6.79 -20.28 26.51
C GLY B 220 -5.53 -20.44 27.32
N LYS B 221 -4.74 -21.46 26.98
CA LYS B 221 -3.54 -21.78 27.73
C LYS B 221 -2.37 -20.89 27.32
N GLY B 222 -2.51 -20.20 26.19
CA GLY B 222 -1.53 -19.22 25.77
C GLY B 222 -1.85 -17.81 26.28
N ARG B 223 -2.87 -17.70 27.13
CA ARG B 223 -3.25 -16.40 27.64
C ARG B 223 -2.11 -15.74 28.43
N TYR B 224 -1.74 -14.53 28.05
CA TYR B 224 -0.63 -13.78 28.65
C TYR B 224 0.71 -14.03 27.96
N TYR B 225 0.71 -14.98 27.03
CA TYR B 225 1.92 -15.34 26.33
C TYR B 225 1.95 -14.70 24.94
N SER B 226 1.03 -13.77 24.71
CA SER B 226 1.13 -12.87 23.56
C SER B 226 1.24 -11.46 24.09
N VAL B 227 2.23 -10.74 23.59
CA VAL B 227 2.51 -9.39 24.06
C VAL B 227 2.43 -8.43 22.87
N ASN B 228 1.66 -7.37 23.01
CA ASN B 228 1.46 -6.44 21.92
C ASN B 228 1.66 -5.00 22.35
N VAL B 229 2.50 -4.28 21.61
CA VAL B 229 2.77 -2.88 21.90
C VAL B 229 2.30 -2.00 20.75
N PRO B 230 1.08 -1.44 20.85
CA PRO B 230 0.54 -0.54 19.84
C PRO B 230 1.27 0.81 19.85
N ILE B 231 1.69 1.29 18.68
CA ILE B 231 2.46 2.52 18.59
C ILE B 231 1.98 3.41 17.45
N GLN B 232 2.01 4.73 17.68
CA GLN B 232 1.52 5.70 16.71
C GLN B 232 2.63 6.21 15.77
N ASP B 233 2.20 6.83 14.67
CA ASP B 233 3.09 7.44 13.68
C ASP B 233 4.20 8.29 14.28
N GLY B 234 5.34 8.28 13.60
CA GLY B 234 6.38 9.24 13.86
C GLY B 234 7.37 8.89 14.95
N ILE B 235 7.26 7.71 15.53
CA ILE B 235 8.18 7.36 16.61
C ILE B 235 9.62 7.34 16.11
N GLN B 236 10.53 7.80 16.97
CA GLN B 236 11.96 7.85 16.65
C GLN B 236 12.81 6.98 17.57
N ASP B 237 14.10 6.87 17.26
CA ASP B 237 14.99 5.87 17.88
C ASP B 237 14.94 5.80 19.41
N GLU B 238 15.04 6.95 20.07
CA GLU B 238 15.20 6.98 21.51
C GLU B 238 13.97 6.41 22.21
N LYS B 239 12.80 6.95 21.88
CA LYS B 239 11.56 6.46 22.49
C LYS B 239 11.28 4.99 22.14
N TYR B 240 11.57 4.62 20.90
CA TYR B 240 11.35 3.24 20.47
C TYR B 240 12.17 2.29 21.33
N TYR B 241 13.45 2.61 21.54
CA TYR B 241 14.32 1.77 22.37
C TYR B 241 13.90 1.71 23.82
N GLN B 242 13.56 2.85 24.42
CA GLN B 242 13.08 2.84 25.81
C GLN B 242 11.94 1.85 25.94
N ILE B 243 10.95 1.97 25.05
CA ILE B 243 9.82 1.04 25.06
C ILE B 243 10.25 -0.42 24.91
N CYS B 244 11.02 -0.69 23.87
CA CYS B 244 11.40 -2.05 23.53
C CYS B 244 12.18 -2.67 24.69
N GLU B 245 13.19 -1.95 25.17
CA GLU B 245 14.04 -2.47 26.23
C GLU B 245 13.24 -2.73 27.50
N SER B 246 12.32 -1.84 27.84
CA SER B 246 11.55 -2.06 29.06
C SER B 246 10.65 -3.29 28.93
N VAL B 247 10.17 -3.56 27.72
CA VAL B 247 9.29 -4.71 27.52
C VAL B 247 10.09 -6.01 27.48
N LEU B 248 11.24 -5.98 26.82
CA LEU B 248 12.06 -7.19 26.67
C LEU B 248 12.68 -7.57 27.99
N LYS B 249 12.97 -6.54 28.79
CA LYS B 249 13.42 -6.73 30.15
C LYS B 249 12.40 -7.59 30.92
N GLU B 250 11.15 -7.14 30.96
CA GLU B 250 10.08 -7.85 31.66
C GLU B 250 9.85 -9.25 31.07
N VAL B 251 9.72 -9.33 29.75
CA VAL B 251 9.54 -10.61 29.07
C VAL B 251 10.64 -11.60 29.41
N TYR B 252 11.88 -11.14 29.42
CA TYR B 252 12.99 -12.05 29.65
C TYR B 252 12.90 -12.61 31.07
N GLN B 253 12.54 -11.72 31.99
CA GLN B 253 12.46 -12.04 33.40
C GLN B 253 11.32 -13.03 33.66
N ALA B 254 10.16 -12.76 33.08
CA ALA B 254 8.98 -13.58 33.35
C ALA B 254 9.00 -14.92 32.59
N PHE B 255 9.49 -14.89 31.35
CA PHE B 255 9.37 -16.05 30.45
C PHE B 255 10.64 -16.88 30.33
N ASN B 256 11.78 -16.23 30.53
CA ASN B 256 13.07 -16.90 30.42
C ASN B 256 13.24 -17.81 29.20
N PRO B 257 13.31 -17.22 27.99
CA PRO B 257 13.33 -18.00 26.75
C PRO B 257 14.60 -18.83 26.61
N LYS B 258 14.51 -19.94 25.88
CA LYS B 258 15.70 -20.75 25.60
C LYS B 258 16.27 -20.47 24.21
N ALA B 259 15.52 -19.71 23.42
CA ALA B 259 15.93 -19.35 22.08
C ALA B 259 15.05 -18.23 21.59
N VAL B 260 15.59 -17.42 20.69
CA VAL B 260 14.90 -16.24 20.21
C VAL B 260 14.80 -16.23 18.68
N VAL B 261 13.60 -15.99 18.15
CA VAL B 261 13.46 -15.68 16.74
C VAL B 261 13.09 -14.22 16.60
N LEU B 262 13.86 -13.49 15.79
CA LEU B 262 13.76 -12.02 15.72
C LEU B 262 13.47 -11.54 14.30
N GLN B 263 12.31 -10.92 14.11
CA GLN B 263 11.91 -10.42 12.82
C GLN B 263 12.20 -8.92 12.78
N LEU B 264 13.05 -8.52 11.86
CA LEU B 264 13.51 -7.14 11.76
C LEU B 264 13.01 -6.38 10.53
N GLY B 265 11.76 -6.59 10.14
CA GLY B 265 11.18 -5.79 9.07
C GLY B 265 11.67 -4.35 9.08
N ALA B 266 12.12 -3.85 7.93
CA ALA B 266 12.67 -2.50 7.84
C ALA B 266 11.66 -1.45 7.36
N ASP B 267 10.38 -1.75 7.44
CA ASP B 267 9.39 -0.77 7.04
C ASP B 267 9.07 0.25 8.14
N THR B 268 9.87 0.22 9.22
CA THR B 268 9.83 1.20 10.29
C THR B 268 10.79 2.36 9.96
N ILE B 269 11.68 2.16 9.00
CA ILE B 269 12.78 3.11 8.78
C ILE B 269 12.33 4.33 8.00
N ALA B 270 12.67 5.51 8.52
CA ALA B 270 12.32 6.77 7.85
C ALA B 270 12.45 6.64 6.34
N GLY B 271 11.45 7.10 5.60
CA GLY B 271 11.54 7.10 4.15
C GLY B 271 10.91 5.87 3.49
N ASP B 272 10.39 4.94 4.27
CA ASP B 272 9.68 3.80 3.70
C ASP B 272 8.35 4.23 3.05
N PRO B 273 7.99 3.62 1.92
CA PRO B 273 6.64 3.84 1.37
C PRO B 273 5.49 3.65 2.39
N MET B 274 5.69 2.82 3.41
CA MET B 274 4.63 2.62 4.42
C MET B 274 4.41 3.89 5.27
N CYS B 275 5.35 4.82 5.16
CA CYS B 275 5.30 6.18 5.72
C CYS B 275 4.64 6.38 7.09
N SER B 276 5.08 5.63 8.09
CA SER B 276 4.48 5.65 9.42
C SER B 276 5.47 5.99 10.54
N PHE B 277 6.53 5.20 10.68
CA PHE B 277 7.52 5.44 11.74
C PHE B 277 8.66 6.30 11.23
N ASN B 278 9.52 6.72 12.15
CA ASN B 278 10.63 7.62 11.82
C ASN B 278 11.93 7.06 12.41
N MET B 279 12.10 5.74 12.31
CA MET B 279 13.26 5.08 12.89
C MET B 279 14.47 5.18 11.97
N THR B 280 15.66 4.93 12.53
CA THR B 280 16.84 4.66 11.73
C THR B 280 17.38 3.34 12.21
N PRO B 281 18.31 2.75 11.44
CA PRO B 281 18.87 1.46 11.83
C PRO B 281 19.64 1.48 13.15
N VAL B 282 20.05 2.65 13.63
CA VAL B 282 20.78 2.69 14.90
C VAL B 282 19.82 2.29 16.01
N GLY B 283 18.61 2.83 15.96
CA GLY B 283 17.59 2.52 16.95
C GLY B 283 17.25 1.04 16.97
N ILE B 284 16.91 0.49 15.82
CA ILE B 284 16.68 -0.93 15.71
C ILE B 284 17.93 -1.66 16.18
N GLY B 285 19.08 -1.15 15.80
CA GLY B 285 20.35 -1.73 16.18
C GLY B 285 20.49 -1.91 17.68
N LYS B 286 20.08 -0.89 18.45
CA LYS B 286 20.16 -0.96 19.91
CA LYS B 286 20.16 -0.96 19.90
C LYS B 286 19.25 -2.07 20.46
N CYS B 287 18.06 -2.21 19.87
CA CYS B 287 17.14 -3.28 20.30
C CYS B 287 17.78 -4.62 20.04
N LEU B 288 18.42 -4.74 18.88
CA LEU B 288 19.15 -5.94 18.50
C LEU B 288 20.22 -6.27 19.55
N LYS B 289 21.10 -5.31 19.85
CA LYS B 289 22.16 -5.56 20.83
C LYS B 289 21.60 -6.10 22.14
N TYR B 290 20.47 -5.54 22.59
CA TYR B 290 19.90 -5.94 23.86
C TYR B 290 19.57 -7.43 23.84
N ILE B 291 18.99 -7.88 22.73
CA ILE B 291 18.64 -9.29 22.57
C ILE B 291 19.87 -10.18 22.46
N LEU B 292 20.87 -9.72 21.72
CA LEU B 292 22.12 -10.45 21.56
C LEU B 292 22.86 -10.72 22.87
N GLN B 293 22.81 -9.77 23.81
CA GLN B 293 23.52 -9.96 25.07
C GLN B 293 22.93 -11.07 25.96
N TRP B 294 21.73 -11.56 25.64
CA TRP B 294 21.17 -12.72 26.33
C TRP B 294 21.93 -13.99 25.95
N GLN B 295 22.70 -13.91 24.86
CA GLN B 295 23.51 -15.04 24.41
C GLN B 295 22.69 -16.32 24.19
N LEU B 296 21.47 -16.20 23.70
CA LEU B 296 20.67 -17.37 23.38
C LEU B 296 20.80 -17.66 21.90
N ALA B 297 20.53 -18.89 21.50
CA ALA B 297 20.47 -19.23 20.09
C ALA B 297 19.44 -18.29 19.45
N THR B 298 19.85 -17.53 18.44
CA THR B 298 19.00 -16.50 17.90
C THR B 298 18.90 -16.56 16.37
N LEU B 299 17.67 -16.58 15.88
CA LEU B 299 17.41 -16.66 14.45
C LEU B 299 16.88 -15.34 13.98
N ILE B 300 17.66 -14.71 13.09
CA ILE B 300 17.46 -13.35 12.59
C ILE B 300 16.81 -13.36 11.21
N LEU B 301 15.69 -12.66 11.11
CA LEU B 301 14.90 -12.63 9.90
C LEU B 301 14.65 -11.18 9.47
N GLY B 302 14.49 -11.00 8.16
CA GLY B 302 14.13 -9.70 7.60
C GLY B 302 12.62 -9.55 7.61
N GLY B 303 12.05 -9.11 6.49
CA GLY B 303 10.61 -9.00 6.38
C GLY B 303 10.21 -7.84 5.50
N GLY B 304 9.38 -6.94 6.05
CA GLY B 304 9.03 -5.72 5.35
C GLY B 304 10.26 -4.90 5.07
N GLY B 305 10.10 -3.91 4.21
CA GLY B 305 11.19 -3.00 3.87
C GLY B 305 10.96 -2.64 2.41
N TYR B 306 10.32 -1.51 2.15
CA TYR B 306 9.84 -1.25 0.80
C TYR B 306 10.56 -0.12 0.06
N ASN B 307 11.45 0.57 0.78
CA ASN B 307 12.49 1.42 0.20
C ASN B 307 13.74 0.54 0.13
N LEU B 308 14.08 0.07 -1.06
CA LEU B 308 15.00 -1.08 -1.16
C LEU B 308 16.41 -0.72 -0.70
N ALA B 309 16.91 0.42 -1.16
CA ALA B 309 18.22 0.86 -0.74
C ALA B 309 18.25 1.05 0.77
N ASN B 310 17.24 1.72 1.32
CA ASN B 310 17.22 1.91 2.78
C ASN B 310 17.18 0.57 3.54
N THR B 311 16.49 -0.41 2.95
CA THR B 311 16.34 -1.71 3.60
C THR B 311 17.68 -2.42 3.60
N ALA B 312 18.46 -2.23 2.53
CA ALA B 312 19.82 -2.76 2.48
C ALA B 312 20.72 -2.03 3.49
N ARG B 313 20.60 -0.71 3.53
CA ARG B 313 21.31 0.08 4.53
C ARG B 313 21.08 -0.44 5.93
N CYS B 314 19.81 -0.69 6.25
CA CYS B 314 19.46 -1.13 7.58
C CYS B 314 20.03 -2.51 7.89
N TRP B 315 19.77 -3.47 7.02
CA TRP B 315 20.14 -4.85 7.30
C TRP B 315 21.64 -5.08 7.23
N THR B 316 22.33 -4.27 6.43
CA THR B 316 23.79 -4.30 6.42
C THR B 316 24.35 -3.73 7.74
N TYR B 317 23.84 -2.59 8.18
CA TYR B 317 24.25 -2.04 9.46
C TYR B 317 24.01 -3.07 10.58
N LEU B 318 22.86 -3.72 10.55
CA LEU B 318 22.52 -4.68 11.60
C LEU B 318 23.43 -5.89 11.56
N THR B 319 23.91 -6.27 10.37
CA THR B 319 24.85 -7.38 10.27
C THR B 319 26.13 -6.98 10.99
N GLY B 320 26.55 -5.74 10.75
CA GLY B 320 27.65 -5.13 11.46
C GLY B 320 27.48 -5.22 12.96
N VAL B 321 26.30 -4.84 13.44
CA VAL B 321 26.00 -4.96 14.87
C VAL B 321 26.20 -6.40 15.31
N ILE B 322 25.60 -7.34 14.59
CA ILE B 322 25.79 -8.76 14.90
C ILE B 322 27.28 -9.11 14.97
N LEU B 323 28.07 -8.51 14.09
CA LEU B 323 29.50 -8.85 14.02
C LEU B 323 30.38 -7.99 14.95
N GLY B 324 29.78 -7.06 15.69
CA GLY B 324 30.53 -6.19 16.56
C GLY B 324 31.49 -5.28 15.80
N LYS B 325 31.11 -4.96 14.56
CA LYS B 325 31.94 -4.17 13.67
C LYS B 325 31.35 -2.80 13.42
N THR B 326 32.22 -1.83 13.24
CA THR B 326 31.80 -0.49 12.89
C THR B 326 32.08 -0.30 11.41
N LEU B 327 31.03 -0.05 10.63
CA LEU B 327 31.15 0.05 9.20
C LEU B 327 31.45 1.48 8.77
N SER B 328 32.17 1.61 7.66
CA SER B 328 32.39 2.91 7.05
C SER B 328 31.07 3.50 6.56
N SER B 329 30.87 4.78 6.83
CA SER B 329 29.64 5.47 6.43
C SER B 329 29.55 5.67 4.92
N GLU B 330 30.68 5.62 4.21
CA GLU B 330 30.65 5.71 2.75
C GLU B 330 30.20 4.39 2.13
N ILE B 331 29.15 4.44 1.32
CA ILE B 331 28.69 3.24 0.61
C ILE B 331 29.74 2.72 -0.36
N PRO B 332 30.17 1.47 -0.16
CA PRO B 332 31.22 0.90 -1.01
C PRO B 332 30.76 0.81 -2.46
N ASP B 333 31.71 0.96 -3.38
CA ASP B 333 31.44 0.71 -4.77
C ASP B 333 30.98 -0.73 -4.92
N HIS B 334 29.84 -0.94 -5.59
CA HIS B 334 29.35 -2.29 -5.89
C HIS B 334 28.27 -2.26 -6.96
N GLU B 335 27.71 -3.42 -7.27
CA GLU B 335 26.69 -3.56 -8.32
C GLU B 335 25.62 -2.47 -8.28
N PHE B 336 25.17 -2.10 -7.10
CA PHE B 336 24.02 -1.22 -6.98
C PHE B 336 24.38 0.12 -6.40
N PHE B 337 25.62 0.54 -6.59
CA PHE B 337 26.07 1.76 -5.97
C PHE B 337 25.17 2.95 -6.35
N THR B 338 24.69 2.97 -7.59
CA THR B 338 23.93 4.12 -8.07
C THR B 338 22.57 4.29 -7.39
N ALA B 339 22.07 3.24 -6.75
CA ALA B 339 20.81 3.31 -6.03
C ALA B 339 20.92 4.11 -4.72
N TYR B 340 22.14 4.45 -4.31
CA TYR B 340 22.36 5.07 -3.00
C TYR B 340 22.45 6.60 -2.99
N GLY B 341 22.15 7.22 -4.13
CA GLY B 341 22.20 8.67 -4.24
C GLY B 341 21.10 9.29 -3.44
N PRO B 342 21.19 10.60 -3.17
CA PRO B 342 22.23 11.49 -3.67
C PRO B 342 23.40 11.63 -2.71
N ASP B 343 23.39 10.90 -1.60
CA ASP B 343 24.45 11.04 -0.60
C ASP B 343 25.44 9.87 -0.50
N TYR B 344 25.01 8.69 -0.91
CA TYR B 344 25.90 7.54 -0.93
C TYR B 344 26.54 7.26 0.41
N VAL B 345 25.79 7.47 1.48
CA VAL B 345 26.25 7.05 2.80
C VAL B 345 25.29 6.02 3.39
N LEU B 346 25.75 5.33 4.43
CA LEU B 346 25.01 4.24 5.06
C LEU B 346 23.94 4.75 6.01
N GLU B 347 24.19 5.90 6.64
CA GLU B 347 23.25 6.45 7.60
C GLU B 347 21.97 6.99 6.98
N ILE B 348 20.87 6.86 7.71
CA ILE B 348 19.59 7.36 7.28
C ILE B 348 19.13 8.49 8.19
N THR B 349 18.72 9.61 7.60
CA THR B 349 18.27 10.76 8.38
C THR B 349 16.76 10.69 8.65
N PRO B 350 16.37 10.89 9.93
CA PRO B 350 14.93 10.93 10.22
C PRO B 350 14.26 12.00 9.40
N SER B 351 12.96 11.87 9.17
CA SER B 351 12.21 12.90 8.47
C SER B 351 11.70 13.96 9.44
N CYS B 352 11.09 15.00 8.89
CA CYS B 352 10.41 16.01 9.68
C CYS B 352 8.93 15.69 9.73
N ARG B 353 8.58 14.74 10.59
CA ARG B 353 7.19 14.38 10.81
C ARG B 353 6.94 14.34 12.30
N PRO B 354 5.71 14.64 12.73
CA PRO B 354 5.43 14.72 14.17
C PRO B 354 5.45 13.32 14.78
N ASP B 355 5.95 13.21 16.00
CA ASP B 355 5.84 12.00 16.79
C ASP B 355 4.53 12.05 17.56
N ARG B 356 3.59 11.18 17.19
CA ARG B 356 2.25 11.21 17.80
C ARG B 356 2.10 10.33 19.02
N ASN B 357 3.21 9.85 19.55
CA ASN B 357 3.13 9.02 20.76
C ASN B 357 3.17 9.86 22.04
N GLU B 358 2.02 9.99 22.70
CA GLU B 358 1.96 10.71 23.97
C GLU B 358 2.64 9.89 25.06
N PRO B 359 3.60 10.50 25.76
CA PRO B 359 4.38 9.82 26.82
C PRO B 359 3.48 9.02 27.74
N HIS B 360 2.33 9.59 27.97
CA HIS B 360 1.36 8.95 28.84
C HIS B 360 0.87 7.63 28.25
N ARG B 361 0.09 7.70 27.17
CA ARG B 361 -0.38 6.50 26.50
C ARG B 361 0.68 5.40 26.56
N ILE B 362 1.92 5.74 26.20
CA ILE B 362 3.03 4.80 26.28
C ILE B 362 3.19 4.16 27.66
N GLN B 363 3.16 4.99 28.69
CA GLN B 363 3.30 4.49 30.05
C GLN B 363 2.14 3.59 30.45
N GLN B 364 0.94 3.93 30.00
CA GLN B 364 -0.22 3.10 30.24
C GLN B 364 -0.04 1.75 29.58
N ILE B 365 0.49 1.76 28.37
CA ILE B 365 0.71 0.52 27.64
C ILE B 365 1.71 -0.39 28.37
N LEU B 366 2.83 0.18 28.79
CA LEU B 366 3.83 -0.58 29.50
C LEU B 366 3.27 -1.17 30.80
N ASN B 367 2.44 -0.39 31.49
CA ASN B 367 1.85 -0.85 32.74
C ASN B 367 0.92 -2.06 32.53
N TYR B 368 0.12 -2.04 31.48
CA TYR B 368 -0.73 -3.18 31.16
C TYR B 368 0.15 -4.40 30.97
N ILE B 369 1.14 -4.25 30.11
CA ILE B 369 2.05 -5.34 29.79
C ILE B 369 2.70 -5.88 31.06
N LYS B 370 3.18 -4.96 31.90
CA LYS B 370 3.81 -5.33 33.16
C LYS B 370 2.88 -6.19 34.00
N GLY B 371 1.63 -5.75 34.10
CA GLY B 371 0.61 -6.53 34.78
C GLY B 371 0.39 -7.91 34.17
N ASN B 372 0.24 -7.95 32.85
CA ASN B 372 0.00 -9.21 32.16
C ASN B 372 1.10 -10.22 32.49
N LEU B 373 2.34 -9.74 32.41
CA LEU B 373 3.50 -10.62 32.56
C LEU B 373 3.62 -11.24 33.96
N LYS B 374 3.16 -10.52 34.99
CA LYS B 374 3.17 -11.07 36.33
C LYS B 374 2.43 -12.42 36.38
N HIS B 375 1.48 -12.62 35.47
CA HIS B 375 0.75 -13.88 35.42
C HIS B 375 1.60 -14.98 34.78
N VAL B 376 2.67 -14.58 34.10
CA VAL B 376 3.54 -15.54 33.45
C VAL B 376 4.54 -16.09 34.45
N VAL B 377 4.38 -17.37 34.76
CA VAL B 377 5.21 -18.04 35.75
C VAL B 377 5.80 -19.32 35.16
N ILE B 378 7.03 -19.25 34.69
CA ILE B 378 7.70 -20.38 34.05
C ILE B 378 9.20 -20.11 33.87
C2 02G C 1 1.56 4.15 -5.23
C7 02G C 1 -3.37 5.61 -6.27
C6 02G C 1 -3.16 4.43 -5.28
C5 02G C 1 -1.80 4.55 -4.62
C4 02G C 1 -0.80 3.66 -4.75
CA 02G C 1 0.58 3.78 -4.12
C 02G C 1 2.96 4.41 -4.75
O2 02G C 1 1.03 2.59 -3.47
O 02G C 1 3.26 4.51 -3.58
S 02G C 1 -5.15 5.75 -6.72
N GLY C 2 3.90 4.11 -5.69
CA GLY C 2 5.33 4.33 -5.40
C GLY C 2 5.86 3.09 -4.71
N BB9 C 3 5.05 2.07 -4.50
CA BB9 C 3 5.69 1.03 -3.85
C BB9 C 3 4.98 -0.21 -3.47
CB BB9 C 3 7.01 1.31 -3.58
SG BB9 C 3 7.45 2.89 -4.16
CB 03Y C 4 4.19 -2.37 -2.33
C 03Y C 4 2.21 -0.88 -2.06
CA 03Y C 4 3.11 -1.57 -3.09
CM 03Y C 4 2.30 -2.48 -4.02
N 03Y C 4 3.74 -0.43 -3.84
O 03Y C 4 1.69 -1.47 -1.13
SG 03Y C 4 5.53 -1.19 -2.17
N VAL C 5 1.91 0.42 -2.33
CA VAL C 5 1.03 1.20 -1.46
C VAL C 5 0.37 2.29 -2.30
C2 02G D 1 -1.30 -5.65 3.12
C7 02G D 1 3.49 -6.04 5.71
C6 02G D 1 3.21 -5.13 4.48
C5 02G D 1 1.77 -4.65 4.42
C4 02G D 1 0.99 -4.79 3.33
CA 02G D 1 -0.45 -4.36 3.16
C 02G D 1 -2.78 -5.39 3.25
O2 02G D 1 -0.76 -3.61 1.99
O 02G D 1 -3.21 -4.29 3.53
S 02G D 1 5.30 -6.36 5.95
N GLY D 2 -3.56 -6.40 2.74
CA GLY D 2 -5.03 -6.34 2.78
C GLY D 2 -5.52 -5.65 1.51
N BB9 D 3 -4.63 -5.21 0.66
CA BB9 D 3 -5.20 -4.60 -0.43
C BB9 D 3 -4.35 -4.01 -1.48
CB BB9 D 3 -6.58 -4.60 -0.38
SG BB9 D 3 -7.13 -5.41 1.06
CB 03Y D 4 -3.36 -2.51 -3.34
C 03Y D 4 -1.76 -2.16 -1.49
CA 03Y D 4 -2.38 -3.22 -2.40
CM 03Y D 4 -1.29 -3.96 -3.20
N 03Y D 4 -3.06 -4.16 -1.46
O 03Y D 4 -1.33 -1.12 -1.93
SG 03Y D 4 -4.91 -2.69 -2.44
N VAL D 5 -1.62 -2.50 -0.17
CA VAL D 5 -1.03 -1.53 0.78
C VAL D 5 -0.35 -2.30 1.92
ZN ZN E . -5.96 7.13 -5.08
K K F . -7.20 14.14 -5.76
K K G . -3.05 23.95 -16.10
ZN ZN H . 5.49 -4.68 7.52
K K I . 5.88 -5.80 14.57
K K J . 1.92 -17.65 22.64
#